data_8Z0T
#
_entry.id   8Z0T
#
_cell.length_a   1.00
_cell.length_b   1.00
_cell.length_c   1.00
_cell.angle_alpha   90.00
_cell.angle_beta   90.00
_cell.angle_gamma   90.00
#
_symmetry.space_group_name_H-M   'P 1'
#
loop_
_entity.id
_entity.type
_entity.pdbx_description
1 polymer 'High affinity immunoglobulin epsilon receptor subunit alpha'
2 polymer 'Isoform 1 of Immunoglobulin heavy constant epsilon'
3 branched 2-acetamido-2-deoxy-beta-D-glucopyranose-(1-4)-beta-D-mannopyranose-(1-4)-2-acetamido-2-deoxy-beta-D-glucopyranose-(1-4)-2-acetamido-2-deoxy-beta-D-glucopyranose
4 branched 2-acetamido-2-deoxy-beta-D-glucopyranose-(1-4)-2-acetamido-2-deoxy-beta-D-glucopyranose
5 branched beta-D-mannopyranose-(1-4)-2-acetamido-2-deoxy-beta-D-glucopyranose-(1-4)-2-acetamido-2-deoxy-beta-D-glucopyranose
6 non-polymer 2-acetamido-2-deoxy-beta-D-glucopyranose
#
loop_
_entity_poly.entity_id
_entity_poly.type
_entity_poly.pdbx_seq_one_letter_code
_entity_poly.pdbx_strand_id
1 'polypeptide(L)'
;MAPAMESPTLLCVALLFFAPDGVLAVPQKPKVSLNPPWNRIFKGENVTLTCNGNNFFEVSSTKWFHNGSLSEETNSSLNI
VNAKFEDSGEYKCQHQQVNESEPVYLEVFSDWLLLQASAEVVMEGQPLFLRCHGWRNWDVYKVIYYKDGEALKYWYENHN
ISITNATVEDSGTYYCTGKVWQLDYESEPLNITVIKAPREKYWLQFFIPLLVVILFAVDTGLFISTQQQVTFLLKIKRTR
KGFRLLNPHPKPNPKNN
;
A
2 'polypeptide(L)'
;MSVPTQVLGLLLLWLTDARCDIVASRDFTPPTVKILQSSCDGGGHFPPTIQLLCLVSGYTPGTINITWLEDGQVMDVDLS
TASTTQEGELASTQSELTLSQKHWLSDRTYTCQVTYQGHTFEDSTKKCADSNPRGVSAYLSRPSPFDLFIRKSPTITCLV
VDLAPSKGTVNLTWSRASGKPVNHSTRKEEKQRNGTLTVTSTLPVGTRDWIEGETYQCRVTHPHLPRALMRSTTKTSGPR
AAPEVYAFATPEWPGSRDKRTLACLIQNFMPEDISVQWLHNEVQLPDARHSTTQPRKTKGSGFFVFSRLEVTRAEWEQKD
EFICRAVHEAASPSQTVQRAVSVNPGKHHHHHH
;
D,E
#
loop_
_chem_comp.id
_chem_comp.type
_chem_comp.name
_chem_comp.formula
BMA D-saccharide, beta linking beta-D-mannopyranose 'C6 H12 O6'
NAG D-saccharide, beta linking 2-acetamido-2-deoxy-beta-D-glucopyranose 'C8 H15 N O6'
#
# COMPACT_ATOMS: atom_id res chain seq x y z
N LYS A 29 -45.38 -33.88 16.52
CA LYS A 29 -44.12 -34.20 15.86
C LYS A 29 -42.93 -33.59 16.59
N PRO A 30 -41.83 -34.33 16.68
CA PRO A 30 -40.60 -33.75 17.21
C PRO A 30 -40.00 -32.73 16.25
N LYS A 31 -39.18 -31.83 16.81
CA LYS A 31 -38.54 -30.79 16.04
C LYS A 31 -37.07 -30.72 16.42
N VAL A 32 -36.26 -30.21 15.51
CA VAL A 32 -34.82 -30.08 15.70
C VAL A 32 -34.50 -28.60 15.88
N SER A 33 -33.84 -28.26 16.98
CA SER A 33 -33.42 -26.90 17.25
C SER A 33 -31.91 -26.85 17.44
N LEU A 34 -31.27 -25.88 16.81
CA LEU A 34 -29.82 -25.82 16.81
C LEU A 34 -29.30 -24.79 17.80
N ASN A 35 -28.22 -25.14 18.48
CA ASN A 35 -27.50 -24.22 19.36
C ASN A 35 -26.04 -24.21 18.91
N PRO A 36 -25.54 -23.15 18.26
CA PRO A 36 -26.21 -21.91 17.81
C PRO A 36 -27.12 -22.15 16.62
N PRO A 37 -28.10 -21.28 16.31
CA PRO A 37 -29.11 -21.62 15.30
C PRO A 37 -28.65 -21.51 13.85
N TRP A 38 -27.35 -21.39 13.61
CA TRP A 38 -26.84 -21.36 12.25
C TRP A 38 -26.77 -22.78 11.70
N ASN A 39 -27.46 -23.02 10.58
CA ASN A 39 -27.39 -24.32 9.93
C ASN A 39 -26.14 -24.48 9.07
N ARG A 40 -25.43 -23.40 8.80
CA ARG A 40 -24.16 -23.45 8.09
C ARG A 40 -23.04 -23.14 9.08
N ILE A 41 -22.11 -24.07 9.23
CA ILE A 41 -21.03 -23.89 10.19
C ILE A 41 -19.72 -23.98 9.43
N PHE A 42 -18.61 -23.90 10.17
CA PHE A 42 -17.28 -23.99 9.58
C PHE A 42 -16.69 -25.36 9.82
N LYS A 43 -15.63 -25.67 9.08
CA LYS A 43 -14.91 -26.91 9.26
C LYS A 43 -14.11 -26.84 10.57
N GLY A 44 -14.71 -27.34 11.64
CA GLY A 44 -14.11 -27.25 12.96
C GLY A 44 -14.93 -26.49 13.98
N GLU A 45 -16.13 -26.04 13.64
CA GLU A 45 -16.98 -25.31 14.58
C GLU A 45 -17.76 -26.30 15.44
N ASN A 46 -18.62 -25.78 16.31
CA ASN A 46 -19.43 -26.59 17.20
C ASN A 46 -20.90 -26.23 17.03
N VAL A 47 -21.76 -27.25 16.98
CA VAL A 47 -23.20 -27.04 16.98
C VAL A 47 -23.84 -28.26 17.63
N THR A 48 -24.84 -28.01 18.47
CA THR A 48 -25.62 -29.06 19.12
C THR A 48 -27.04 -29.02 18.59
N LEU A 49 -27.50 -30.13 18.03
CA LEU A 49 -28.89 -30.27 17.60
C LEU A 49 -29.66 -30.93 18.73
N THR A 50 -30.76 -30.30 19.13
CA THR A 50 -31.60 -30.78 20.21
C THR A 50 -32.94 -31.24 19.64
N CYS A 51 -33.35 -32.45 20.03
CA CYS A 51 -34.63 -33.00 19.61
C CYS A 51 -35.71 -32.51 20.57
N ASN A 52 -36.15 -31.29 20.33
CA ASN A 52 -37.19 -30.68 21.16
C ASN A 52 -38.54 -31.31 20.83
N GLY A 53 -39.28 -31.69 21.88
CA GLY A 53 -40.56 -32.34 21.69
C GLY A 53 -41.54 -31.95 22.78
N ASN A 54 -42.74 -32.50 22.66
CA ASN A 54 -43.81 -32.29 23.63
C ASN A 54 -44.20 -33.64 24.22
N ASN A 55 -44.31 -33.68 25.56
CA ASN A 55 -44.55 -34.91 26.34
C ASN A 55 -43.50 -35.97 26.03
N PHE A 56 -42.23 -35.57 26.21
CA PHE A 56 -41.09 -36.38 25.80
C PHE A 56 -40.72 -37.44 26.83
N PHE A 57 -41.26 -37.35 28.05
CA PHE A 57 -41.03 -38.28 29.16
C PHE A 57 -39.54 -38.44 29.49
N GLU A 58 -38.98 -39.59 29.14
CA GLU A 58 -37.57 -39.86 29.38
C GLU A 58 -36.75 -39.32 28.22
N VAL A 59 -35.70 -38.56 28.54
CA VAL A 59 -34.90 -37.89 27.50
C VAL A 59 -33.95 -38.86 26.80
N SER A 60 -33.70 -40.04 27.37
CA SER A 60 -32.77 -41.01 26.80
C SER A 60 -33.49 -42.12 26.05
N SER A 61 -34.60 -41.81 25.39
CA SER A 61 -35.40 -42.80 24.67
C SER A 61 -35.65 -42.34 23.24
N THR A 62 -34.66 -41.71 22.62
CA THR A 62 -34.79 -41.22 21.25
C THR A 62 -33.57 -41.64 20.44
N LYS A 63 -33.71 -41.60 19.12
CA LYS A 63 -32.64 -41.99 18.22
C LYS A 63 -32.41 -40.89 17.18
N TRP A 64 -31.20 -40.88 16.65
CA TRP A 64 -30.71 -39.78 15.81
C TRP A 64 -30.46 -40.30 14.39
N PHE A 65 -31.36 -39.97 13.48
CA PHE A 65 -31.21 -40.33 12.08
C PHE A 65 -30.31 -39.28 11.41
N HIS A 66 -29.15 -39.74 10.95
CA HIS A 66 -28.24 -38.94 10.13
C HIS A 66 -28.76 -38.95 8.68
N ASN A 67 -27.92 -38.52 7.76
CA ASN A 67 -28.18 -38.72 6.34
C ASN A 67 -28.09 -40.22 6.09
N GLY A 68 -29.24 -40.86 5.95
CA GLY A 68 -29.32 -42.28 5.69
C GLY A 68 -29.27 -43.16 6.93
N SER A 69 -28.12 -43.22 7.58
CA SER A 69 -27.86 -44.20 8.62
C SER A 69 -28.39 -43.71 9.97
N LEU A 70 -28.10 -44.49 11.01
CA LEU A 70 -28.45 -44.17 12.39
C LEU A 70 -27.21 -43.73 13.15
N SER A 71 -27.32 -42.60 13.84
CA SER A 71 -26.28 -42.21 14.78
C SER A 71 -26.53 -42.88 16.12
N GLU A 72 -25.46 -43.00 16.91
CA GLU A 72 -25.51 -43.72 18.17
C GLU A 72 -25.60 -42.77 19.38
N GLU A 73 -25.98 -41.53 19.15
CA GLU A 73 -26.06 -40.56 20.23
C GLU A 73 -27.36 -40.76 21.02
N THR A 74 -27.37 -40.18 22.23
CA THR A 74 -28.48 -40.31 23.16
C THR A 74 -28.75 -38.95 23.81
N ASN A 75 -29.75 -38.92 24.70
CA ASN A 75 -30.13 -37.78 25.53
C ASN A 75 -30.68 -36.60 24.74
N SER A 76 -31.10 -36.85 23.48
CA SER A 76 -31.79 -35.90 22.60
C SER A 76 -30.99 -34.62 22.36
N SER A 77 -29.66 -34.70 22.40
CA SER A 77 -28.80 -33.54 22.18
C SER A 77 -27.52 -34.05 21.55
N LEU A 78 -27.45 -34.03 20.23
CA LEU A 78 -26.28 -34.51 19.50
C LEU A 78 -25.37 -33.32 19.22
N ASN A 79 -24.16 -33.36 19.77
CA ASN A 79 -23.17 -32.32 19.55
C ASN A 79 -22.19 -32.74 18.47
N ILE A 80 -21.77 -31.79 17.65
CA ILE A 80 -20.77 -32.02 16.62
C ILE A 80 -19.55 -31.20 17.01
N VAL A 81 -18.63 -31.82 17.75
CA VAL A 81 -17.43 -31.16 18.20
C VAL A 81 -16.33 -31.36 17.18
N ASN A 82 -15.69 -30.26 16.78
CA ASN A 82 -14.69 -30.19 15.71
C ASN A 82 -15.23 -30.80 14.42
N ALA A 83 -16.26 -30.14 13.88
CA ALA A 83 -17.02 -30.69 12.77
C ALA A 83 -16.19 -30.71 11.49
N LYS A 84 -16.19 -31.85 10.82
CA LYS A 84 -15.51 -32.02 9.55
C LYS A 84 -16.50 -31.80 8.41
N PHE A 85 -16.08 -32.10 7.19
CA PHE A 85 -16.97 -31.91 6.04
C PHE A 85 -18.05 -32.97 5.99
N GLU A 86 -17.79 -34.17 6.52
CA GLU A 86 -18.74 -35.26 6.44
C GLU A 86 -19.93 -35.11 7.38
N ASP A 87 -19.89 -34.14 8.30
CA ASP A 87 -21.00 -33.93 9.22
C ASP A 87 -22.14 -33.13 8.62
N SER A 88 -21.98 -32.61 7.41
CA SER A 88 -23.06 -31.89 6.76
C SER A 88 -24.10 -32.86 6.23
N GLY A 89 -25.32 -32.36 6.04
CA GLY A 89 -26.36 -33.14 5.41
C GLY A 89 -27.72 -33.10 6.07
N GLU A 90 -28.47 -34.19 5.93
CA GLU A 90 -29.80 -34.29 6.50
C GLU A 90 -29.72 -34.75 7.94
N TYR A 91 -30.44 -34.07 8.82
CA TYR A 91 -30.49 -34.47 10.22
C TYR A 91 -31.95 -34.56 10.67
N LYS A 92 -32.32 -35.65 11.30
CA LYS A 92 -33.63 -35.77 11.91
C LYS A 92 -33.54 -36.61 13.17
N CYS A 93 -34.53 -36.46 14.04
CA CYS A 93 -34.58 -37.19 15.30
C CYS A 93 -35.92 -37.92 15.38
N GLN A 94 -35.90 -39.09 16.01
CA GLN A 94 -37.11 -39.89 16.15
C GLN A 94 -37.30 -40.29 17.61
N HIS A 95 -38.55 -40.19 18.07
CA HIS A 95 -38.94 -40.56 19.43
C HIS A 95 -40.10 -41.53 19.34
N GLN A 96 -39.90 -42.75 19.86
CA GLN A 96 -40.77 -43.94 19.82
C GLN A 96 -41.55 -44.11 18.52
N GLN A 97 -42.85 -44.40 18.62
CA GLN A 97 -43.62 -44.83 17.46
C GLN A 97 -43.96 -43.67 16.51
N VAL A 98 -43.96 -42.44 17.01
CA VAL A 98 -44.11 -41.28 16.15
C VAL A 98 -42.86 -41.17 15.28
N ASN A 99 -43.03 -40.78 14.02
CA ASN A 99 -41.95 -40.88 13.04
C ASN A 99 -40.88 -39.82 13.29
N GLU A 100 -39.91 -39.79 12.38
CA GLU A 100 -38.77 -38.89 12.49
C GLU A 100 -39.20 -37.44 12.30
N SER A 101 -38.37 -36.53 12.82
CA SER A 101 -38.63 -35.11 12.70
C SER A 101 -38.41 -34.64 11.26
N GLU A 102 -38.86 -33.43 10.99
CA GLU A 102 -38.59 -32.81 9.70
C GLU A 102 -37.09 -32.52 9.59
N PRO A 103 -36.42 -33.03 8.55
CA PRO A 103 -34.96 -32.99 8.55
C PRO A 103 -34.41 -31.59 8.28
N VAL A 104 -33.46 -31.19 9.09
CA VAL A 104 -32.75 -29.93 8.92
C VAL A 104 -31.53 -30.19 8.06
N TYR A 105 -31.18 -29.19 7.26
CA TYR A 105 -30.07 -29.27 6.31
C TYR A 105 -28.87 -28.54 6.89
N LEU A 106 -27.90 -29.30 7.40
CA LEU A 106 -26.63 -28.73 7.81
C LEU A 106 -25.69 -28.68 6.62
N GLU A 107 -24.83 -27.67 6.60
CA GLU A 107 -23.90 -27.47 5.47
C GLU A 107 -22.60 -26.92 6.03
N VAL A 108 -21.62 -27.79 6.23
CA VAL A 108 -20.32 -27.38 6.75
C VAL A 108 -19.54 -26.70 5.63
N PHE A 109 -19.13 -25.47 5.86
CA PHE A 109 -18.35 -24.71 4.89
C PHE A 109 -16.90 -24.57 5.36
N SER A 110 -16.06 -24.07 4.47
CA SER A 110 -14.67 -23.74 4.81
C SER A 110 -14.27 -22.59 3.88
N ASP A 111 -14.36 -21.37 4.41
CA ASP A 111 -14.12 -20.17 3.62
C ASP A 111 -13.66 -19.09 4.58
N TRP A 112 -13.24 -17.96 4.01
CA TRP A 112 -12.85 -16.83 4.84
C TRP A 112 -14.06 -16.18 5.50
N LEU A 113 -15.14 -16.00 4.75
CA LEU A 113 -16.38 -15.43 5.25
C LEU A 113 -17.53 -16.37 4.94
N LEU A 114 -18.41 -16.56 5.91
CA LEU A 114 -19.61 -17.37 5.74
C LEU A 114 -20.81 -16.53 6.15
N LEU A 115 -21.85 -16.52 5.33
CA LEU A 115 -23.08 -15.82 5.69
C LEU A 115 -23.98 -16.81 6.40
N GLN A 116 -24.12 -16.65 7.71
CA GLN A 116 -24.95 -17.52 8.52
C GLN A 116 -26.31 -16.88 8.72
N ALA A 117 -27.35 -17.70 8.71
CA ALA A 117 -28.71 -17.23 8.89
C ALA A 117 -29.42 -18.12 9.90
N SER A 118 -30.49 -17.57 10.48
CA SER A 118 -31.32 -18.35 11.38
C SER A 118 -32.07 -19.44 10.62
N ALA A 119 -32.66 -19.09 9.48
CA ALA A 119 -33.36 -20.06 8.63
C ALA A 119 -33.41 -19.50 7.22
N GLU A 120 -33.23 -20.39 6.23
CA GLU A 120 -33.40 -19.99 4.84
C GLU A 120 -34.87 -19.73 4.52
N VAL A 121 -35.76 -20.55 5.07
CA VAL A 121 -37.20 -20.36 4.92
C VAL A 121 -37.73 -19.72 6.20
N VAL A 122 -38.27 -18.52 6.07
CA VAL A 122 -38.71 -17.72 7.20
C VAL A 122 -40.11 -17.20 6.91
N MET A 123 -41.04 -17.41 7.82
CA MET A 123 -42.42 -17.02 7.63
C MET A 123 -42.59 -15.51 7.83
N GLU A 124 -43.79 -15.03 7.53
CA GLU A 124 -44.09 -13.61 7.69
C GLU A 124 -44.18 -13.26 9.17
N GLY A 125 -43.43 -12.24 9.58
CA GLY A 125 -43.35 -11.84 10.96
C GLY A 125 -42.30 -12.57 11.77
N GLN A 126 -41.74 -13.66 11.24
CA GLN A 126 -40.67 -14.38 11.91
C GLN A 126 -39.38 -13.55 11.87
N PRO A 127 -38.55 -13.62 12.92
CA PRO A 127 -37.35 -12.75 12.97
C PRO A 127 -36.24 -13.31 12.10
N LEU A 128 -35.89 -12.58 11.04
CA LEU A 128 -34.81 -12.97 10.16
C LEU A 128 -33.48 -12.50 10.74
N PHE A 129 -32.45 -13.32 10.61
CA PHE A 129 -31.14 -13.00 11.14
C PHE A 129 -30.09 -13.28 10.09
N LEU A 130 -29.08 -12.40 10.02
CA LEU A 130 -27.94 -12.65 9.15
C LEU A 130 -26.68 -12.19 9.87
N ARG A 131 -25.61 -12.98 9.69
CA ARG A 131 -24.35 -12.72 10.36
C ARG A 131 -23.20 -13.09 9.43
N CYS A 132 -22.23 -12.19 9.27
CA CYS A 132 -21.07 -12.46 8.43
C CYS A 132 -19.95 -13.01 9.32
N HIS A 133 -19.95 -14.33 9.46
CA HIS A 133 -19.00 -15.00 10.33
C HIS A 133 -17.66 -15.13 9.64
N GLY A 134 -16.61 -14.59 10.26
CA GLY A 134 -15.28 -14.81 9.76
C GLY A 134 -14.77 -16.20 10.12
N TRP A 135 -13.71 -16.60 9.43
CA TRP A 135 -13.11 -17.91 9.67
C TRP A 135 -12.45 -17.94 11.06
N ARG A 136 -12.69 -19.05 11.78
CA ARG A 136 -12.35 -19.27 13.20
C ARG A 136 -12.60 -18.03 14.07
N ASN A 137 -13.80 -17.48 13.89
CA ASN A 137 -14.30 -16.21 14.47
C ASN A 137 -13.24 -15.09 14.50
N TRP A 138 -12.59 -14.90 13.36
CA TRP A 138 -11.71 -13.75 13.20
C TRP A 138 -12.54 -12.48 13.08
N ASP A 139 -12.00 -11.38 13.58
CA ASP A 139 -12.68 -10.10 13.44
C ASP A 139 -12.62 -9.60 11.99
N VAL A 140 -13.78 -9.18 11.49
CA VAL A 140 -13.93 -8.76 10.10
C VAL A 140 -14.31 -7.28 10.10
N TYR A 141 -13.65 -6.50 9.26
CA TYR A 141 -13.93 -5.07 9.17
C TYR A 141 -14.55 -4.74 7.82
N LYS A 142 -15.26 -3.61 7.81
CA LYS A 142 -15.89 -3.03 6.63
C LYS A 142 -16.88 -4.00 5.97
N VAL A 143 -17.69 -4.65 6.80
CA VAL A 143 -18.60 -5.67 6.32
C VAL A 143 -19.77 -5.02 5.59
N ILE A 144 -20.00 -5.43 4.35
CA ILE A 144 -21.09 -4.97 3.51
C ILE A 144 -21.99 -6.15 3.19
N TYR A 145 -23.25 -6.07 3.59
CA TYR A 145 -24.26 -7.04 3.23
C TYR A 145 -24.93 -6.58 1.94
N TYR A 146 -24.91 -7.45 0.93
CA TYR A 146 -25.53 -7.22 -0.37
C TYR A 146 -26.75 -8.12 -0.50
N LYS A 147 -27.83 -7.54 -1.00
CA LYS A 147 -29.05 -8.27 -1.34
C LYS A 147 -29.25 -8.13 -2.85
N ASP A 148 -28.89 -9.19 -3.59
CA ASP A 148 -29.02 -9.28 -5.05
C ASP A 148 -28.28 -8.14 -5.77
N GLY A 149 -27.03 -7.92 -5.39
CA GLY A 149 -26.19 -7.01 -6.13
C GLY A 149 -26.25 -5.55 -5.72
N GLU A 150 -27.13 -5.19 -4.78
CA GLU A 150 -27.16 -3.84 -4.25
C GLU A 150 -26.84 -3.87 -2.76
N ALA A 151 -26.26 -2.78 -2.27
CA ALA A 151 -25.78 -2.74 -0.90
C ALA A 151 -26.95 -2.62 0.08
N LEU A 152 -27.23 -3.70 0.79
CA LEU A 152 -28.25 -3.65 1.83
C LEU A 152 -27.76 -2.85 3.04
N LYS A 153 -26.55 -3.14 3.53
CA LYS A 153 -26.05 -2.37 4.67
C LYS A 153 -24.53 -2.46 4.68
N TYR A 154 -23.90 -1.54 5.41
CA TYR A 154 -22.45 -1.49 5.55
C TYR A 154 -22.07 -0.97 6.92
N TRP A 155 -21.06 -1.58 7.54
CA TRP A 155 -20.52 -1.09 8.79
C TRP A 155 -19.02 -1.35 8.87
N TYR A 156 -18.33 -0.55 9.70
CA TYR A 156 -16.88 -0.65 9.81
C TYR A 156 -16.42 -1.87 10.59
N GLU A 157 -17.26 -2.45 11.42
CA GLU A 157 -16.90 -3.64 12.19
C GLU A 157 -17.74 -4.81 11.71
N ASN A 158 -17.46 -5.99 12.26
CA ASN A 158 -18.32 -7.13 12.01
C ASN A 158 -19.65 -6.92 12.71
N HIS A 159 -20.72 -6.87 11.95
CA HIS A 159 -22.04 -6.59 12.48
C HIS A 159 -23.05 -7.57 11.93
N ASN A 160 -24.06 -7.87 12.74
CA ASN A 160 -25.19 -8.66 12.29
C ASN A 160 -26.27 -7.74 11.72
N ILE A 161 -27.25 -8.33 11.07
CA ILE A 161 -28.50 -7.63 10.76
C ILE A 161 -29.67 -8.50 11.22
N SER A 162 -30.50 -7.93 12.09
CA SER A 162 -31.58 -8.65 12.75
C SER A 162 -32.89 -7.97 12.37
N ILE A 163 -33.59 -8.54 11.40
CA ILE A 163 -34.85 -7.99 10.91
C ILE A 163 -35.95 -8.56 11.78
N THR A 164 -36.64 -7.66 12.52
CA THR A 164 -37.62 -8.06 13.51
C THR A 164 -38.85 -8.68 12.84
N ASN A 165 -39.40 -8.02 11.84
CA ASN A 165 -40.45 -8.57 11.00
C ASN A 165 -39.90 -8.80 9.60
N ALA A 166 -40.26 -9.93 9.01
CA ALA A 166 -39.79 -10.31 7.68
C ALA A 166 -40.82 -9.97 6.63
N THR A 167 -40.36 -9.44 5.49
CA THR A 167 -41.22 -9.11 4.37
C THR A 167 -40.88 -10.01 3.18
N VAL A 168 -41.82 -10.12 2.24
CA VAL A 168 -41.58 -10.96 1.06
C VAL A 168 -40.60 -10.28 0.11
N GLU A 169 -40.46 -8.96 0.19
CA GLU A 169 -39.41 -8.27 -0.57
C GLU A 169 -38.06 -8.38 0.11
N ASP A 170 -38.01 -8.83 1.36
CA ASP A 170 -36.75 -9.04 2.07
C ASP A 170 -36.27 -10.48 1.85
N SER A 171 -35.95 -10.76 0.59
CA SER A 171 -35.52 -12.10 0.20
C SER A 171 -34.65 -12.00 -1.05
N GLY A 172 -33.90 -13.06 -1.30
CA GLY A 172 -33.06 -13.13 -2.47
C GLY A 172 -31.72 -13.77 -2.22
N THR A 173 -30.69 -13.31 -2.93
CA THR A 173 -29.34 -13.85 -2.84
C THR A 173 -28.53 -12.91 -1.94
N TYR A 174 -28.60 -13.15 -0.64
CA TYR A 174 -27.84 -12.36 0.32
C TYR A 174 -26.41 -12.88 0.38
N TYR A 175 -25.45 -11.96 0.40
CA TYR A 175 -24.05 -12.33 0.65
C TYR A 175 -23.28 -11.13 1.16
N CYS A 176 -22.27 -11.39 1.98
CA CYS A 176 -21.51 -10.34 2.64
C CYS A 176 -20.07 -10.33 2.17
N THR A 177 -19.52 -9.13 2.00
CA THR A 177 -18.12 -8.94 1.65
C THR A 177 -17.44 -8.11 2.72
N GLY A 178 -16.29 -8.57 3.18
CA GLY A 178 -15.62 -7.89 4.27
C GLY A 178 -14.12 -7.89 4.14
N LYS A 179 -13.42 -7.49 5.20
CA LYS A 179 -11.97 -7.44 5.20
C LYS A 179 -11.44 -8.23 6.38
N VAL A 180 -10.78 -9.35 6.09
CA VAL A 180 -10.07 -10.14 7.09
C VAL A 180 -8.58 -9.95 6.85
N TRP A 181 -7.88 -9.42 7.84
CA TRP A 181 -6.46 -9.03 7.79
C TRP A 181 -6.17 -8.11 6.60
N GLN A 182 -6.98 -7.03 6.51
CA GLN A 182 -6.83 -5.94 5.53
C GLN A 182 -6.89 -6.41 4.08
N LEU A 183 -7.51 -7.55 3.81
CA LEU A 183 -7.69 -8.05 2.45
C LEU A 183 -9.17 -8.25 2.21
N ASP A 184 -9.65 -7.85 1.04
CA ASP A 184 -11.06 -7.98 0.71
C ASP A 184 -11.39 -9.44 0.40
N TYR A 185 -12.46 -9.96 0.99
CA TYR A 185 -12.95 -11.27 0.56
C TYR A 185 -14.44 -11.26 0.28
N GLU A 186 -14.99 -12.46 0.08
CA GLU A 186 -16.35 -12.64 -0.40
C GLU A 186 -16.91 -13.92 0.17
N SER A 187 -18.11 -13.85 0.74
CA SER A 187 -18.74 -15.01 1.33
C SER A 187 -19.49 -15.80 0.27
N GLU A 188 -19.81 -17.05 0.62
CA GLU A 188 -20.64 -17.87 -0.26
C GLU A 188 -22.06 -17.29 -0.30
N PRO A 189 -22.70 -17.23 -1.46
CA PRO A 189 -24.04 -16.65 -1.53
C PRO A 189 -25.07 -17.53 -0.84
N LEU A 190 -26.11 -16.88 -0.31
CA LEU A 190 -27.15 -17.56 0.45
C LEU A 190 -28.51 -17.19 -0.14
N ASN A 191 -29.27 -18.22 -0.52
CA ASN A 191 -30.61 -18.02 -1.07
C ASN A 191 -31.60 -18.06 0.08
N ILE A 192 -32.13 -16.89 0.45
CA ILE A 192 -33.11 -16.78 1.51
C ILE A 192 -34.46 -16.45 0.86
N THR A 193 -35.47 -17.26 1.16
CA THR A 193 -36.82 -17.05 0.65
C THR A 193 -37.77 -16.87 1.82
N VAL A 194 -38.50 -15.77 1.82
CA VAL A 194 -39.55 -15.50 2.80
C VAL A 194 -40.89 -15.65 2.09
N ILE A 195 -41.72 -16.56 2.59
CA ILE A 195 -42.98 -16.92 1.94
C ILE A 195 -44.14 -16.45 2.81
N LYS A 196 -45.30 -16.34 2.17
CA LYS A 196 -46.51 -15.91 2.86
C LYS A 196 -47.02 -17.04 3.75
N ALA A 197 -46.94 -16.85 5.05
CA ALA A 197 -47.47 -17.83 5.99
C ALA A 197 -48.99 -17.70 6.06
N PRO A 198 -49.76 -18.79 5.85
CA PRO A 198 -51.21 -18.76 5.96
C PRO A 198 -51.70 -18.49 7.38
N THR B 29 34.12 -2.60 19.81
CA THR B 29 32.74 -2.80 20.23
C THR B 29 31.76 -2.52 19.09
N PRO B 30 30.71 -3.33 18.99
CA PRO B 30 29.69 -3.07 17.97
C PRO B 30 28.87 -1.86 18.34
N PRO B 31 28.41 -1.09 17.34
CA PRO B 31 27.56 0.07 17.64
C PRO B 31 26.17 -0.35 18.06
N THR B 32 25.55 0.50 18.87
CA THR B 32 24.17 0.33 19.31
C THR B 32 23.31 1.33 18.56
N VAL B 33 22.32 0.84 17.82
CA VAL B 33 21.53 1.63 16.90
C VAL B 33 20.06 1.60 17.31
N LYS B 34 19.49 2.78 17.54
CA LYS B 34 18.08 2.96 17.87
C LYS B 34 17.50 4.05 16.99
N ILE B 35 16.17 4.08 16.90
CA ILE B 35 15.45 5.11 16.15
C ILE B 35 14.42 5.74 17.07
N LEU B 36 14.42 7.08 17.13
CA LEU B 36 13.42 7.84 17.86
C LEU B 36 12.51 8.55 16.85
N GLN B 37 11.20 8.43 17.06
CA GLN B 37 10.22 9.06 16.18
C GLN B 37 10.05 10.53 16.55
N SER B 38 9.13 11.19 15.86
CA SER B 38 8.85 12.60 16.10
C SER B 38 7.80 12.74 17.20
N SER B 39 7.26 13.94 17.34
CA SER B 39 6.16 14.20 18.26
C SER B 39 4.85 13.67 17.69
N CYS B 40 3.80 13.79 18.48
CA CYS B 40 2.46 13.37 18.05
C CYS B 40 1.39 14.36 18.49
N ASP B 41 1.75 15.65 18.55
CA ASP B 41 0.86 16.82 18.63
C ASP B 41 0.09 16.92 19.95
N GLY B 42 0.21 15.95 20.85
CA GLY B 42 -0.52 16.00 22.10
C GLY B 42 -1.94 15.48 22.00
N GLY B 43 -2.78 16.10 21.17
CA GLY B 43 -4.17 15.72 21.12
C GLY B 43 -4.45 14.39 20.45
N GLY B 44 -4.36 14.32 19.11
CA GLY B 44 -4.53 13.05 18.45
C GLY B 44 -3.83 12.86 17.12
N HIS B 45 -3.01 13.82 16.71
CA HIS B 45 -2.68 13.94 15.29
C HIS B 45 -1.17 13.85 15.09
N PHE B 46 -0.78 13.79 13.82
CA PHE B 46 0.63 13.77 13.45
C PHE B 46 1.07 15.16 13.02
N PRO B 47 2.26 15.60 13.41
CA PRO B 47 2.79 16.86 12.88
C PRO B 47 3.12 16.73 11.41
N PRO B 48 3.02 17.82 10.65
CA PRO B 48 3.23 17.74 9.19
C PRO B 48 4.68 17.47 8.81
N THR B 49 5.61 17.75 9.70
CA THR B 49 7.03 17.45 9.50
C THR B 49 7.43 16.42 10.54
N ILE B 50 7.63 15.17 10.11
CA ILE B 50 7.99 14.07 10.98
C ILE B 50 9.50 13.86 10.91
N GLN B 51 10.15 13.91 12.07
CA GLN B 51 11.58 13.72 12.18
C GLN B 51 11.87 12.31 12.68
N LEU B 52 12.69 11.59 11.92
CA LEU B 52 13.16 10.26 12.29
C LEU B 52 14.63 10.39 12.67
N LEU B 53 14.94 10.11 13.93
CA LEU B 53 16.27 10.37 14.48
C LEU B 53 16.95 9.05 14.81
N CYS B 54 17.95 8.68 14.02
CA CYS B 54 18.72 7.46 14.25
C CYS B 54 19.90 7.78 15.16
N LEU B 55 19.86 7.22 16.37
CA LEU B 55 20.95 7.33 17.34
C LEU B 55 21.87 6.13 17.18
N VAL B 56 23.17 6.39 17.02
CA VAL B 56 24.18 5.34 17.09
C VAL B 56 25.16 5.71 18.19
N SER B 57 25.38 4.78 19.11
CA SER B 57 26.18 5.07 20.31
C SER B 57 26.96 3.84 20.73
N GLY B 58 28.04 4.09 21.46
CA GLY B 58 28.82 3.00 22.03
C GLY B 58 29.63 2.20 21.04
N TYR B 59 30.24 2.86 20.07
CA TYR B 59 31.06 2.20 19.06
C TYR B 59 32.52 2.61 19.20
N THR B 60 33.39 1.84 18.55
CA THR B 60 34.77 2.26 18.37
C THR B 60 34.80 3.47 17.44
N PRO B 61 35.46 4.57 17.82
CA PRO B 61 35.40 5.79 17.00
C PRO B 61 36.07 5.62 15.65
N GLY B 62 35.51 6.29 14.65
CA GLY B 62 35.98 6.15 13.28
C GLY B 62 35.02 6.78 12.29
N THR B 63 34.94 6.16 11.12
CA THR B 63 34.08 6.65 10.04
C THR B 63 32.84 5.76 9.95
N ILE B 64 31.67 6.38 10.03
CA ILE B 64 30.39 5.67 9.91
C ILE B 64 29.58 6.37 8.82
N ASN B 65 29.07 5.58 7.87
CA ASN B 65 28.19 6.09 6.83
C ASN B 65 26.76 5.70 7.17
N ILE B 66 25.90 6.72 7.31
CA ILE B 66 24.48 6.54 7.53
C ILE B 66 23.81 6.36 6.17
N THR B 67 23.07 5.27 6.00
CA THR B 67 22.23 5.13 4.82
C THR B 67 20.78 4.91 5.27
N TRP B 68 19.89 5.70 4.69
CA TRP B 68 18.46 5.66 4.98
C TRP B 68 17.76 4.89 3.88
N LEU B 69 16.80 4.05 4.28
CA LEU B 69 16.15 3.13 3.36
C LEU B 69 14.65 3.29 3.45
N GLU B 70 13.97 3.24 2.30
CA GLU B 70 12.51 3.23 2.24
C GLU B 70 12.11 1.98 1.46
N ASP B 71 11.76 0.93 2.20
CA ASP B 71 11.44 -0.40 1.66
C ASP B 71 12.56 -0.95 0.78
N GLY B 72 13.79 -0.83 1.26
CA GLY B 72 14.93 -1.32 0.53
C GLY B 72 15.42 -0.41 -0.59
N GLN B 73 15.05 0.86 -0.58
CA GLN B 73 15.50 1.82 -1.59
C GLN B 73 16.30 2.90 -0.88
N VAL B 74 17.51 3.16 -1.38
CA VAL B 74 18.34 4.24 -0.85
C VAL B 74 17.93 5.54 -1.54
N MET B 75 17.55 6.53 -0.75
CA MET B 75 17.21 7.84 -1.30
C MET B 75 18.33 8.84 -0.98
N ASP B 76 18.39 9.90 -1.78
CA ASP B 76 19.39 10.95 -1.61
C ASP B 76 18.66 12.22 -1.19
N VAL B 77 18.69 12.52 0.11
CA VAL B 77 18.08 13.72 0.64
C VAL B 77 19.11 14.48 1.47
N ASP B 78 18.71 15.62 2.02
CA ASP B 78 19.55 16.39 2.92
C ASP B 78 19.39 15.94 4.37
N LEU B 79 19.79 14.71 4.67
CA LEU B 79 19.73 14.19 6.03
C LEU B 79 20.76 14.89 6.92
N SER B 80 20.33 15.25 8.12
CA SER B 80 21.18 16.02 9.05
C SER B 80 22.03 15.05 9.86
N THR B 81 23.24 14.77 9.36
CA THR B 81 24.20 13.93 10.07
C THR B 81 24.97 14.81 11.03
N ALA B 82 24.71 14.64 12.33
CA ALA B 82 25.35 15.46 13.34
C ALA B 82 26.78 15.00 13.58
N SER B 83 27.52 15.81 14.33
CA SER B 83 28.93 15.53 14.60
C SER B 83 29.07 14.38 15.59
N THR B 84 30.26 13.79 15.62
CA THR B 84 30.55 12.69 16.52
C THR B 84 31.00 13.25 17.87
N THR B 85 30.30 12.87 18.93
CA THR B 85 30.64 13.27 20.28
C THR B 85 31.27 12.09 21.01
N GLN B 86 32.46 12.30 21.56
CA GLN B 86 33.22 11.24 22.23
C GLN B 86 32.94 11.28 23.72
N GLU B 87 32.43 10.18 24.26
CA GLU B 87 32.14 10.03 25.68
C GLU B 87 33.06 8.93 26.21
N GLY B 88 34.14 9.35 26.88
CA GLY B 88 35.09 8.40 27.44
C GLY B 88 35.83 7.65 26.35
N GLU B 89 35.72 6.32 26.41
CA GLU B 89 36.28 5.45 25.37
C GLU B 89 35.28 5.14 24.27
N LEU B 90 34.06 5.66 24.36
CA LEU B 90 33.02 5.42 23.36
C LEU B 90 32.72 6.70 22.61
N ALA B 91 31.85 6.58 21.60
CA ALA B 91 31.42 7.73 20.82
C ALA B 91 29.97 7.54 20.40
N SER B 92 29.33 8.65 20.03
CA SER B 92 27.92 8.64 19.66
C SER B 92 27.63 9.78 18.70
N THR B 93 26.73 9.51 17.76
CA THR B 93 26.25 10.52 16.82
C THR B 93 24.84 10.12 16.38
N GLN B 94 24.26 10.95 15.50
CA GLN B 94 22.87 10.78 15.13
C GLN B 94 22.64 11.31 13.72
N SER B 95 21.54 10.86 13.14
CA SER B 95 21.09 11.33 11.83
C SER B 95 19.60 11.63 11.90
N GLU B 96 19.16 12.54 11.03
CA GLU B 96 17.77 12.98 11.02
C GLU B 96 17.20 12.93 9.61
N LEU B 97 16.01 12.36 9.50
CA LEU B 97 15.24 12.34 8.26
C LEU B 97 13.97 13.15 8.47
N THR B 98 13.57 13.90 7.46
CA THR B 98 12.34 14.67 7.50
C THR B 98 11.32 14.10 6.52
N LEU B 99 10.06 14.04 6.95
CA LEU B 99 8.99 13.48 6.13
C LEU B 99 7.77 14.38 6.21
N SER B 100 6.97 14.33 5.15
CA SER B 100 5.64 14.90 5.19
C SER B 100 4.69 13.91 5.86
N GLN B 101 3.46 14.36 6.07
CA GLN B 101 2.45 13.49 6.69
C GLN B 101 2.05 12.36 5.75
N LYS B 102 2.03 12.61 4.45
CA LYS B 102 1.50 11.64 3.50
C LYS B 102 2.41 10.41 3.39
N HIS B 103 3.74 10.62 3.30
CA HIS B 103 4.65 9.50 3.17
C HIS B 103 4.73 8.68 4.47
N TRP B 104 4.56 9.33 5.61
CA TRP B 104 4.55 8.59 6.87
C TRP B 104 3.26 7.82 7.05
N LEU B 105 2.13 8.40 6.60
CA LEU B 105 0.86 7.71 6.70
C LEU B 105 0.61 6.75 5.54
N SER B 106 1.54 6.65 4.58
CA SER B 106 1.45 5.62 3.53
C SER B 106 1.91 4.25 3.99
N ASP B 107 2.21 4.08 5.28
CA ASP B 107 2.50 2.79 5.90
C ASP B 107 3.73 2.14 5.30
N ARG B 108 4.83 2.89 5.27
CA ARG B 108 6.10 2.43 4.71
C ARG B 108 7.09 2.14 5.82
N THR B 109 8.16 1.42 5.46
CA THR B 109 9.20 1.03 6.39
C THR B 109 10.48 1.79 6.08
N TYR B 110 11.01 2.49 7.07
CA TYR B 110 12.22 3.28 6.93
C TYR B 110 13.31 2.69 7.80
N THR B 111 14.46 2.40 7.20
CA THR B 111 15.54 1.68 7.87
C THR B 111 16.80 2.51 7.91
N CYS B 112 17.31 2.76 9.12
CA CYS B 112 18.62 3.36 9.31
C CYS B 112 19.65 2.23 9.34
N GLN B 113 20.61 2.30 8.42
CA GLN B 113 21.63 1.29 8.24
C GLN B 113 22.99 1.95 8.42
N VAL B 114 23.86 1.35 9.22
CA VAL B 114 25.22 1.87 9.38
C VAL B 114 26.17 0.97 8.59
N THR B 115 26.92 1.57 7.67
CA THR B 115 27.93 0.82 6.93
C THR B 115 29.28 1.08 7.59
N TYR B 116 29.51 0.37 8.70
CA TYR B 116 30.68 0.61 9.54
C TYR B 116 31.62 -0.58 9.47
N GLN B 117 32.87 -0.32 9.09
CA GLN B 117 33.96 -1.29 9.04
C GLN B 117 33.64 -2.50 8.14
N GLY B 118 32.92 -2.26 7.05
CA GLY B 118 32.49 -3.33 6.17
C GLY B 118 31.32 -4.14 6.68
N HIS B 119 30.70 -3.73 7.77
CA HIS B 119 29.58 -4.45 8.37
C HIS B 119 28.33 -3.58 8.34
N THR B 120 27.18 -4.25 8.25
CA THR B 120 25.88 -3.59 8.19
C THR B 120 25.06 -3.96 9.41
N PHE B 121 24.67 -2.94 10.17
CA PHE B 121 23.67 -3.05 11.23
C PHE B 121 22.46 -2.24 10.82
N GLU B 122 21.28 -2.83 11.02
CA GLU B 122 20.02 -2.29 10.54
C GLU B 122 19.10 -2.06 11.73
N ASP B 123 18.38 -0.93 11.71
CA ASP B 123 17.25 -0.76 12.62
C ASP B 123 16.19 -0.05 11.79
N SER B 124 14.96 -0.51 11.87
CA SER B 124 13.88 0.03 11.04
C SER B 124 12.80 0.66 11.91
N THR B 125 11.86 1.31 11.24
CA THR B 125 10.69 1.88 11.88
C THR B 125 9.58 1.98 10.84
N LYS B 126 8.37 2.25 11.32
CA LYS B 126 7.16 2.10 10.52
C LYS B 126 6.02 2.71 11.33
N LYS B 127 5.00 3.22 10.64
CA LYS B 127 3.77 3.59 11.32
C LYS B 127 3.13 2.31 11.86
N CYS B 128 2.80 2.32 13.15
CA CYS B 128 2.42 1.10 13.86
C CYS B 128 0.94 1.12 14.18
N ALA B 129 0.22 0.12 13.66
CA ALA B 129 -1.16 -0.12 14.04
C ALA B 129 -1.21 -0.95 15.31
N ASP B 130 -2.42 -1.10 15.85
CA ASP B 130 -2.62 -1.85 17.09
C ASP B 130 -2.30 -3.34 16.94
N SER B 131 -3.11 -4.07 16.18
CA SER B 131 -2.83 -5.47 15.85
C SER B 131 -3.63 -5.81 14.59
N ASN B 132 -2.96 -5.78 13.44
CA ASN B 132 -3.61 -6.08 12.17
C ASN B 132 -2.57 -6.47 11.12
N PRO B 133 -2.26 -7.75 10.96
CA PRO B 133 -1.37 -8.17 9.88
C PRO B 133 -2.05 -8.00 8.52
N ARG B 134 -1.22 -7.94 7.47
CA ARG B 134 -1.73 -7.69 6.14
C ARG B 134 -2.25 -8.93 5.43
N GLY B 135 -2.10 -10.11 6.03
CA GLY B 135 -2.67 -11.31 5.46
C GLY B 135 -1.86 -11.90 4.32
N VAL B 136 -1.82 -13.24 4.25
CA VAL B 136 -0.94 -13.93 3.32
C VAL B 136 -1.39 -13.73 1.89
N SER B 137 -0.48 -13.26 1.04
CA SER B 137 -0.77 -13.04 -0.37
C SER B 137 0.19 -13.86 -1.22
N ALA B 138 -0.29 -14.31 -2.38
CA ALA B 138 0.50 -15.11 -3.30
C ALA B 138 0.47 -14.46 -4.67
N TYR B 139 1.65 -14.33 -5.28
CA TYR B 139 1.79 -13.71 -6.59
C TYR B 139 2.55 -14.65 -7.50
N LEU B 140 2.03 -14.90 -8.69
CA LEU B 140 2.66 -15.80 -9.64
C LEU B 140 3.19 -15.01 -10.82
N SER B 141 4.45 -15.27 -11.19
CA SER B 141 5.11 -14.52 -12.24
C SER B 141 5.25 -15.39 -13.49
N ARG B 142 4.86 -14.83 -14.62
CA ARG B 142 5.18 -15.43 -15.91
C ARG B 142 6.68 -15.31 -16.16
N PRO B 143 7.27 -16.22 -16.95
CA PRO B 143 8.70 -16.09 -17.26
C PRO B 143 8.97 -14.90 -18.15
N SER B 144 10.13 -14.28 -17.96
CA SER B 144 10.54 -13.21 -18.83
C SER B 144 10.88 -13.76 -20.20
N PRO B 145 10.62 -13.01 -21.28
CA PRO B 145 11.00 -13.48 -22.62
C PRO B 145 12.50 -13.65 -22.82
N PHE B 146 13.33 -12.92 -22.06
CA PHE B 146 14.76 -13.16 -22.08
C PHE B 146 15.10 -14.55 -21.55
N ASP B 147 14.42 -14.97 -20.47
CA ASP B 147 14.58 -16.34 -19.99
C ASP B 147 13.90 -17.33 -20.92
N LEU B 148 12.82 -16.92 -21.59
CA LEU B 148 12.04 -17.86 -22.40
C LEU B 148 12.75 -18.19 -23.71
N PHE B 149 13.34 -17.21 -24.37
CA PHE B 149 13.83 -17.36 -25.73
C PHE B 149 15.35 -17.32 -25.84
N ILE B 150 16.02 -16.42 -25.13
CA ILE B 150 17.46 -16.28 -25.28
C ILE B 150 18.20 -17.32 -24.45
N ARG B 151 17.97 -17.32 -23.14
CA ARG B 151 18.62 -18.29 -22.27
C ARG B 151 18.02 -19.69 -22.40
N LYS B 152 16.79 -19.80 -22.89
CA LYS B 152 16.05 -21.04 -23.12
C LYS B 152 15.87 -21.87 -21.84
N SER B 153 15.90 -21.22 -20.68
CA SER B 153 15.62 -21.87 -19.40
C SER B 153 14.66 -21.00 -18.60
N PRO B 154 13.38 -21.00 -18.97
CA PRO B 154 12.42 -20.13 -18.28
C PRO B 154 12.07 -20.67 -16.90
N THR B 155 11.78 -19.74 -15.99
CA THR B 155 11.44 -20.07 -14.62
C THR B 155 10.19 -19.31 -14.21
N ILE B 156 9.47 -19.88 -13.25
CA ILE B 156 8.20 -19.31 -12.78
C ILE B 156 8.31 -19.18 -11.27
N THR B 157 7.98 -17.99 -10.77
CA THR B 157 8.18 -17.65 -9.36
C THR B 157 6.82 -17.47 -8.69
N CYS B 158 6.59 -18.22 -7.61
CA CYS B 158 5.48 -17.99 -6.70
C CYS B 158 6.05 -17.28 -5.48
N LEU B 159 5.61 -16.05 -5.28
CA LEU B 159 6.07 -15.20 -4.19
C LEU B 159 4.96 -15.12 -3.14
N VAL B 160 5.26 -15.58 -1.93
CA VAL B 160 4.33 -15.53 -0.82
C VAL B 160 4.77 -14.41 0.10
N VAL B 161 3.94 -13.38 0.21
CA VAL B 161 4.29 -12.17 0.93
C VAL B 161 3.29 -11.95 2.06
N ASP B 162 3.68 -11.05 2.98
CA ASP B 162 2.96 -10.74 4.21
C ASP B 162 2.72 -11.98 5.06
N LEU B 163 3.73 -12.82 5.17
CA LEU B 163 3.68 -14.04 5.97
C LEU B 163 4.17 -13.72 7.37
N ALA B 164 3.30 -13.90 8.36
CA ALA B 164 3.70 -13.71 9.74
C ALA B 164 4.65 -14.83 10.17
N PRO B 165 5.56 -14.56 11.11
CA PRO B 165 6.48 -15.61 11.58
C PRO B 165 5.86 -16.57 12.59
N SER B 166 4.54 -16.53 12.76
CA SER B 166 3.85 -17.43 13.67
C SER B 166 3.70 -18.82 13.05
N LYS B 167 4.82 -19.53 12.92
CA LYS B 167 4.94 -20.90 12.40
C LYS B 167 4.38 -20.95 10.97
N GLY B 168 3.75 -22.07 10.62
CA GLY B 168 3.19 -22.26 9.30
C GLY B 168 4.20 -22.76 8.29
N THR B 169 5.03 -21.85 7.78
CA THR B 169 6.03 -22.11 6.73
C THR B 169 5.40 -22.85 5.54
N VAL B 170 4.53 -22.09 4.85
CA VAL B 170 3.47 -22.55 3.95
C VAL B 170 3.87 -23.66 2.99
N ASN B 171 3.02 -24.68 2.87
CA ASN B 171 3.30 -25.75 1.94
C ASN B 171 3.01 -25.27 0.52
N LEU B 172 3.97 -25.48 -0.37
CA LEU B 172 3.97 -24.89 -1.70
C LEU B 172 3.99 -26.01 -2.72
N THR B 173 2.83 -26.30 -3.31
CA THR B 173 2.70 -27.43 -4.23
C THR B 173 2.54 -26.91 -5.65
N TRP B 174 3.26 -27.51 -6.58
CA TRP B 174 3.26 -27.11 -7.97
C TRP B 174 2.57 -28.17 -8.82
N SER B 175 1.79 -27.73 -9.79
CA SER B 175 1.10 -28.66 -10.67
C SER B 175 0.86 -27.98 -12.02
N ARG B 176 0.28 -28.74 -12.94
CA ARG B 176 -0.16 -28.21 -14.22
C ARG B 176 -1.68 -28.33 -14.31
N ALA B 177 -2.24 -27.95 -15.45
CA ALA B 177 -3.67 -28.11 -15.68
C ALA B 177 -4.01 -29.49 -16.21
N SER B 178 -3.09 -30.14 -16.91
CA SER B 178 -3.32 -31.47 -17.45
C SER B 178 -2.85 -32.58 -16.52
N GLY B 179 -2.33 -32.25 -15.35
CA GLY B 179 -1.91 -33.25 -14.40
C GLY B 179 -0.53 -33.83 -14.64
N LYS B 180 0.21 -33.32 -15.62
CA LYS B 180 1.56 -33.81 -15.87
C LYS B 180 2.50 -33.38 -14.75
N PRO B 181 3.57 -34.15 -14.51
CA PRO B 181 4.54 -33.75 -13.48
C PRO B 181 5.34 -32.53 -13.90
N VAL B 182 5.85 -31.82 -12.90
CA VAL B 182 6.63 -30.60 -13.09
C VAL B 182 8.06 -30.86 -12.64
N ASN B 183 8.93 -29.90 -12.95
CA ASN B 183 10.32 -30.00 -12.54
C ASN B 183 10.46 -29.69 -11.04
N HIS B 184 11.64 -30.00 -10.51
CA HIS B 184 11.91 -29.73 -9.11
C HIS B 184 12.07 -28.24 -8.87
N SER B 185 11.32 -27.71 -7.90
CA SER B 185 11.27 -26.28 -7.64
C SER B 185 12.07 -25.97 -6.38
N THR B 186 12.92 -24.95 -6.47
CA THR B 186 13.69 -24.50 -5.32
C THR B 186 12.87 -23.53 -4.49
N ARG B 187 13.12 -23.53 -3.18
CA ARG B 187 12.37 -22.68 -2.26
C ARG B 187 13.34 -21.95 -1.34
N LYS B 188 12.96 -20.73 -0.97
CA LYS B 188 13.74 -19.94 -0.04
C LYS B 188 12.81 -19.07 0.78
N GLU B 189 13.24 -18.71 1.99
CA GLU B 189 12.47 -17.84 2.87
C GLU B 189 13.37 -16.70 3.34
N GLU B 190 12.92 -15.48 3.14
CA GLU B 190 13.66 -14.28 3.52
C GLU B 190 12.87 -13.56 4.60
N LYS B 191 13.51 -13.32 5.74
CA LYS B 191 12.91 -12.53 6.81
C LYS B 191 13.02 -11.07 6.44
N GLN B 192 11.90 -10.47 6.04
CA GLN B 192 11.91 -9.10 5.56
C GLN B 192 12.04 -8.12 6.73
N ARG B 193 12.27 -6.86 6.37
CA ARG B 193 12.51 -5.83 7.39
C ARG B 193 11.24 -5.50 8.15
N ASN B 194 10.08 -5.58 7.50
CA ASN B 194 8.82 -5.16 8.10
C ASN B 194 8.12 -6.32 8.80
N GLY B 195 8.87 -7.02 9.64
CA GLY B 195 8.32 -8.03 10.52
C GLY B 195 7.88 -9.34 9.90
N THR B 196 7.75 -9.40 8.58
CA THR B 196 7.12 -10.53 7.91
C THR B 196 8.15 -11.44 7.25
N LEU B 197 7.65 -12.46 6.56
CA LEU B 197 8.45 -13.40 5.80
C LEU B 197 8.02 -13.35 4.34
N THR B 198 8.98 -13.59 3.45
CA THR B 198 8.70 -13.70 2.02
C THR B 198 9.26 -15.03 1.55
N VAL B 199 8.38 -15.90 1.05
CA VAL B 199 8.77 -17.24 0.63
C VAL B 199 8.69 -17.31 -0.89
N THR B 200 9.84 -17.55 -1.51
CA THR B 200 9.95 -17.59 -2.96
C THR B 200 10.12 -19.04 -3.41
N SER B 201 9.29 -19.47 -4.35
CA SER B 201 9.45 -20.77 -5.00
C SER B 201 9.71 -20.54 -6.47
N THR B 202 10.85 -21.02 -6.94
CA THR B 202 11.25 -20.89 -8.33
C THR B 202 11.22 -22.27 -8.99
N LEU B 203 10.44 -22.40 -10.06
CA LEU B 203 10.33 -23.66 -10.79
C LEU B 203 10.82 -23.50 -12.22
N PRO B 204 11.82 -24.27 -12.65
CA PRO B 204 12.18 -24.30 -14.07
C PRO B 204 11.06 -24.89 -14.92
N VAL B 205 10.87 -24.32 -16.09
CA VAL B 205 9.71 -24.60 -16.94
C VAL B 205 10.23 -25.13 -18.27
N GLY B 206 9.64 -26.23 -18.75
CA GLY B 206 9.89 -26.69 -20.10
C GLY B 206 9.44 -25.67 -21.13
N THR B 207 10.33 -25.33 -22.06
CA THR B 207 10.05 -24.25 -23.02
C THR B 207 9.00 -24.66 -24.03
N ARG B 208 9.12 -25.87 -24.57
CA ARG B 208 8.11 -26.38 -25.50
C ARG B 208 6.78 -26.61 -24.79
N ASP B 209 6.83 -26.99 -23.51
CA ASP B 209 5.62 -27.12 -22.73
C ASP B 209 4.98 -25.77 -22.44
N TRP B 210 5.79 -24.74 -22.24
CA TRP B 210 5.24 -23.41 -21.96
C TRP B 210 4.63 -22.78 -23.20
N ILE B 211 5.32 -22.90 -24.35
CA ILE B 211 4.86 -22.23 -25.55
C ILE B 211 3.65 -22.92 -26.16
N GLU B 212 3.40 -24.18 -25.80
CA GLU B 212 2.25 -24.89 -26.32
C GLU B 212 0.95 -24.52 -25.62
N GLY B 213 1.02 -23.86 -24.47
CA GLY B 213 -0.14 -23.40 -23.76
C GLY B 213 -0.48 -24.12 -22.47
N GLU B 214 0.49 -24.73 -21.80
CA GLU B 214 0.22 -25.44 -20.55
C GLU B 214 0.04 -24.45 -19.41
N THR B 215 -1.06 -24.59 -18.68
CA THR B 215 -1.35 -23.72 -17.54
C THR B 215 -0.73 -24.30 -16.29
N TYR B 216 0.18 -23.55 -15.68
CA TYR B 216 0.84 -23.96 -14.45
C TYR B 216 0.08 -23.41 -13.25
N GLN B 217 0.17 -24.12 -12.13
CA GLN B 217 -0.55 -23.75 -10.92
C GLN B 217 0.34 -23.89 -9.70
N CYS B 218 0.28 -22.87 -8.86
CA CYS B 218 0.97 -22.81 -7.58
C CYS B 218 -0.06 -22.76 -6.47
N ARG B 219 0.04 -23.70 -5.53
CA ARG B 219 -0.89 -23.78 -4.40
C ARG B 219 -0.11 -23.48 -3.12
N VAL B 220 -0.54 -22.43 -2.42
CA VAL B 220 0.05 -22.02 -1.15
C VAL B 220 -0.94 -22.37 -0.07
N THR B 221 -0.62 -23.37 0.75
CA THR B 221 -1.49 -23.82 1.83
C THR B 221 -0.86 -23.45 3.16
N HIS B 222 -1.68 -22.90 4.06
CA HIS B 222 -1.26 -22.57 5.41
C HIS B 222 -2.19 -23.29 6.38
N PRO B 223 -1.67 -23.82 7.49
CA PRO B 223 -2.56 -24.52 8.45
C PRO B 223 -3.58 -23.61 9.11
N HIS B 224 -3.24 -22.36 9.40
CA HIS B 224 -4.18 -21.45 10.04
C HIS B 224 -4.97 -20.63 9.02
N LEU B 225 -5.51 -21.30 8.01
CA LEU B 225 -6.23 -20.68 6.92
C LEU B 225 -7.39 -21.54 6.45
N PRO B 226 -8.40 -20.93 5.83
CA PRO B 226 -9.31 -21.67 4.95
C PRO B 226 -8.71 -21.98 3.60
N ARG B 227 -9.56 -22.31 2.62
CA ARG B 227 -9.23 -22.74 1.26
C ARG B 227 -8.04 -22.00 0.65
N ALA B 228 -7.05 -22.77 0.22
CA ALA B 228 -5.69 -22.31 0.02
C ALA B 228 -5.59 -21.38 -1.19
N LEU B 229 -4.45 -20.70 -1.28
CA LEU B 229 -4.22 -19.74 -2.35
C LEU B 229 -3.81 -20.49 -3.61
N MET B 230 -4.64 -20.40 -4.65
CA MET B 230 -4.34 -21.02 -5.94
C MET B 230 -4.06 -19.94 -6.96
N ARG B 231 -2.88 -20.01 -7.57
CA ARG B 231 -2.48 -19.06 -8.61
C ARG B 231 -2.22 -19.84 -9.89
N SER B 232 -2.76 -19.35 -11.01
CA SER B 232 -2.66 -20.04 -12.28
C SER B 232 -2.04 -19.10 -13.31
N THR B 233 -1.07 -19.61 -14.05
CA THR B 233 -0.41 -18.84 -15.10
C THR B 233 -0.44 -19.62 -16.40
N THR B 234 -0.33 -18.89 -17.51
CA THR B 234 -0.37 -19.47 -18.84
C THR B 234 0.28 -18.51 -19.81
N LYS B 235 0.56 -19.01 -21.01
CA LYS B 235 0.97 -18.14 -22.10
C LYS B 235 -0.20 -17.26 -22.50
N THR B 236 0.05 -15.96 -22.62
CA THR B 236 -1.02 -15.01 -22.91
C THR B 236 -1.53 -15.19 -24.33
N SER B 237 -2.84 -15.38 -24.44
CA SER B 237 -3.49 -15.70 -25.71
C SER B 237 -4.16 -14.47 -26.30
N GLY B 238 -4.17 -14.40 -27.62
CA GLY B 238 -4.75 -13.28 -28.32
C GLY B 238 -4.00 -12.97 -29.59
N PRO B 239 -4.20 -11.77 -30.14
CA PRO B 239 -3.45 -11.38 -31.33
C PRO B 239 -1.99 -11.09 -30.99
N ARG B 240 -1.14 -11.26 -31.99
CA ARG B 240 0.30 -11.06 -31.83
C ARG B 240 0.77 -9.94 -32.74
N ALA B 241 1.61 -9.06 -32.21
CA ALA B 241 2.17 -7.96 -32.97
C ALA B 241 3.64 -7.81 -32.65
N ALA B 242 4.44 -7.56 -33.68
CA ALA B 242 5.86 -7.37 -33.49
C ALA B 242 6.15 -6.04 -32.79
N PRO B 243 7.11 -6.00 -31.87
CA PRO B 243 7.39 -4.76 -31.15
C PRO B 243 8.22 -3.80 -31.99
N GLU B 244 7.71 -2.58 -32.12
CA GLU B 244 8.41 -1.51 -32.84
C GLU B 244 9.35 -0.80 -31.88
N VAL B 245 10.64 -0.83 -32.18
CA VAL B 245 11.67 -0.28 -31.31
C VAL B 245 12.20 1.00 -31.94
N TYR B 246 12.28 2.07 -31.16
CA TYR B 246 13.00 3.28 -31.51
C TYR B 246 13.91 3.63 -30.36
N ALA B 247 15.09 4.18 -30.68
CA ALA B 247 16.05 4.55 -29.66
C ALA B 247 16.59 5.94 -29.95
N PHE B 248 16.70 6.75 -28.90
CA PHE B 248 17.11 8.14 -29.00
C PHE B 248 18.20 8.44 -27.98
N ALA B 249 19.06 9.39 -28.31
CA ALA B 249 20.09 9.86 -27.41
C ALA B 249 19.67 11.21 -26.83
N THR B 250 20.56 11.82 -26.06
CA THR B 250 20.31 13.14 -25.48
C THR B 250 20.91 14.21 -26.36
N PRO B 251 20.15 15.24 -26.77
CA PRO B 251 20.71 16.36 -27.53
C PRO B 251 21.32 17.46 -26.67
N GLU B 252 22.14 17.05 -25.69
CA GLU B 252 22.95 17.85 -24.78
C GLU B 252 22.13 18.71 -23.80
N TRP B 253 22.68 18.95 -22.61
CA TRP B 253 22.07 19.83 -21.64
C TRP B 253 23.13 20.79 -21.14
N PRO B 254 22.77 22.05 -20.86
CA PRO B 254 23.71 22.98 -20.22
C PRO B 254 24.13 22.47 -18.84
N GLY B 255 25.41 22.66 -18.54
CA GLY B 255 25.99 21.98 -17.39
C GLY B 255 26.16 20.50 -17.70
N SER B 256 26.21 19.70 -16.62
CA SER B 256 26.33 18.25 -16.64
C SER B 256 27.54 17.78 -17.45
N ARG B 257 27.29 17.36 -18.70
CA ARG B 257 28.26 17.13 -19.78
C ARG B 257 29.11 15.87 -19.55
N ASP B 258 29.02 15.27 -18.36
CA ASP B 258 29.73 14.04 -18.05
C ASP B 258 28.89 12.79 -18.27
N LYS B 259 27.56 12.92 -18.30
CA LYS B 259 26.67 11.78 -18.47
C LYS B 259 25.61 12.13 -19.51
N ARG B 260 25.18 11.10 -20.24
CA ARG B 260 24.10 11.23 -21.21
C ARG B 260 23.04 10.18 -20.94
N THR B 261 21.79 10.54 -21.15
CA THR B 261 20.66 9.65 -20.86
C THR B 261 19.97 9.26 -22.15
N LEU B 262 20.12 8.00 -22.55
CA LEU B 262 19.48 7.47 -23.73
C LEU B 262 18.12 6.88 -23.38
N ALA B 263 17.18 7.04 -24.31
CA ALA B 263 15.82 6.54 -24.18
C ALA B 263 15.56 5.52 -25.26
N CYS B 264 14.61 4.62 -24.99
CA CYS B 264 14.20 3.60 -25.95
C CYS B 264 12.70 3.38 -25.79
N LEU B 265 11.94 3.69 -26.83
CA LEU B 265 10.51 3.47 -26.85
C LEU B 265 10.24 2.18 -27.63
N ILE B 266 9.66 1.19 -26.97
CA ILE B 266 9.21 -0.02 -27.63
C ILE B 266 7.70 -0.06 -27.53
N GLN B 267 7.03 -0.06 -28.67
CA GLN B 267 5.59 0.17 -28.71
C GLN B 267 4.93 -0.74 -29.74
N ASN B 268 3.59 -0.79 -29.65
CA ASN B 268 2.70 -1.48 -30.59
C ASN B 268 3.01 -2.97 -30.66
N PHE B 269 2.87 -3.64 -29.51
CA PHE B 269 3.08 -5.07 -29.43
C PHE B 269 2.05 -5.70 -28.51
N MET B 270 1.64 -6.91 -28.85
CA MET B 270 0.86 -7.78 -28.00
C MET B 270 1.52 -9.16 -27.99
N PRO B 271 1.54 -9.84 -26.84
CA PRO B 271 1.03 -9.45 -25.52
C PRO B 271 2.03 -8.60 -24.75
N GLU B 272 1.82 -8.42 -23.44
CA GLU B 272 2.61 -7.46 -22.67
C GLU B 272 3.94 -8.03 -22.18
N ASP B 273 4.23 -9.30 -22.45
CA ASP B 273 5.47 -9.90 -21.96
C ASP B 273 6.63 -9.48 -22.85
N ILE B 274 7.48 -8.58 -22.36
CA ILE B 274 8.59 -8.05 -23.12
C ILE B 274 9.79 -7.90 -22.19
N SER B 275 10.97 -8.31 -22.65
CA SER B 275 12.19 -8.08 -21.91
C SER B 275 13.04 -7.04 -22.65
N VAL B 276 13.46 -6.01 -21.93
CA VAL B 276 14.26 -4.93 -22.51
C VAL B 276 15.69 -5.05 -22.01
N GLN B 277 16.63 -5.12 -22.94
CA GLN B 277 18.05 -5.18 -22.64
C GLN B 277 18.75 -4.03 -23.36
N TRP B 278 19.97 -3.74 -22.92
CA TRP B 278 20.66 -2.50 -23.27
C TRP B 278 22.13 -2.74 -23.60
N LEU B 279 22.37 -3.61 -24.60
CA LEU B 279 23.71 -4.14 -24.85
C LEU B 279 24.70 -3.08 -25.28
N HIS B 280 25.98 -3.37 -25.06
CA HIS B 280 27.10 -2.55 -25.50
C HIS B 280 28.33 -3.44 -25.68
N ASN B 281 29.02 -3.26 -26.81
CA ASN B 281 30.21 -4.04 -27.20
C ASN B 281 29.92 -5.54 -27.22
N GLU B 282 28.69 -5.89 -27.65
CA GLU B 282 28.13 -7.24 -27.64
C GLU B 282 28.20 -7.88 -26.25
N VAL B 283 28.03 -7.05 -25.22
CA VAL B 283 28.08 -7.49 -23.82
C VAL B 283 26.82 -6.97 -23.13
N GLN B 284 26.11 -7.86 -22.45
CA GLN B 284 24.89 -7.48 -21.74
C GLN B 284 25.24 -6.63 -20.52
N LEU B 285 24.58 -5.49 -20.40
CA LEU B 285 24.75 -4.59 -19.27
C LEU B 285 23.99 -5.14 -18.05
N PRO B 286 24.43 -4.78 -16.84
CA PRO B 286 23.63 -5.10 -15.65
C PRO B 286 22.29 -4.37 -15.69
N ASP B 287 21.28 -5.01 -15.08
CA ASP B 287 19.92 -4.49 -15.09
C ASP B 287 19.73 -3.28 -14.19
N ALA B 288 20.72 -2.95 -13.35
CA ALA B 288 20.62 -1.78 -12.50
C ALA B 288 20.83 -0.48 -13.28
N ARG B 289 21.40 -0.54 -14.48
CA ARG B 289 21.64 0.67 -15.25
C ARG B 289 20.35 1.20 -15.87
N HIS B 290 19.54 0.31 -16.45
CA HIS B 290 18.33 0.77 -17.13
C HIS B 290 17.16 0.87 -16.15
N SER B 291 16.12 1.57 -16.58
CA SER B 291 14.95 1.89 -15.77
C SER B 291 13.67 1.64 -16.56
N THR B 292 13.55 0.44 -17.14
CA THR B 292 12.42 0.09 -17.98
C THR B 292 11.12 0.06 -17.19
N THR B 293 10.13 0.81 -17.66
CA THR B 293 8.83 0.88 -17.00
C THR B 293 7.94 -0.28 -17.42
N GLN B 294 6.87 -0.47 -16.67
CA GLN B 294 5.92 -1.53 -16.95
C GLN B 294 5.12 -1.22 -18.21
N PRO B 295 4.62 -2.25 -18.91
CA PRO B 295 3.78 -2.00 -20.08
C PRO B 295 2.46 -1.33 -19.72
N ARG B 296 2.01 -0.44 -20.61
CA ARG B 296 0.75 0.26 -20.44
C ARG B 296 0.01 0.24 -21.78
N LYS B 297 -1.31 0.22 -21.72
CA LYS B 297 -2.12 0.11 -22.93
C LYS B 297 -2.09 1.40 -23.72
N THR B 298 -1.84 1.29 -25.02
CA THR B 298 -1.81 2.43 -25.92
C THR B 298 -3.22 2.75 -26.40
N LYS B 299 -3.32 3.61 -27.41
CA LYS B 299 -4.60 4.04 -27.97
C LYS B 299 -4.88 3.24 -29.23
N GLY B 300 -5.73 2.22 -29.11
CA GLY B 300 -6.12 1.42 -30.26
C GLY B 300 -5.01 0.56 -30.83
N SER B 301 -4.12 0.07 -29.99
CA SER B 301 -2.98 -0.75 -30.41
C SER B 301 -2.53 -1.57 -29.21
N GLY B 302 -1.31 -2.10 -29.26
CA GLY B 302 -0.79 -2.91 -28.19
C GLY B 302 -0.28 -2.12 -27.00
N PHE B 303 0.89 -2.49 -26.49
CA PHE B 303 1.46 -1.86 -25.30
C PHE B 303 2.67 -1.04 -25.67
N PHE B 304 3.16 -0.26 -24.70
CA PHE B 304 4.41 0.46 -24.87
C PHE B 304 5.19 0.41 -23.56
N VAL B 305 6.51 0.21 -23.68
CA VAL B 305 7.43 0.37 -22.57
C VAL B 305 8.49 1.38 -22.98
N PHE B 306 9.10 1.96 -21.95
CA PHE B 306 10.08 3.03 -22.09
C PHE B 306 11.29 2.66 -21.26
N SER B 307 12.48 2.76 -21.86
CA SER B 307 13.72 2.44 -21.19
C SER B 307 14.63 3.66 -21.17
N ARG B 308 15.40 3.81 -20.10
CA ARG B 308 16.28 4.96 -19.92
C ARG B 308 17.56 4.50 -19.26
N LEU B 309 18.69 4.86 -19.87
CA LEU B 309 19.98 4.49 -19.30
C LEU B 309 20.88 5.71 -19.28
N GLU B 310 21.71 5.81 -18.23
CA GLU B 310 22.68 6.89 -18.08
C GLU B 310 24.07 6.35 -18.35
N VAL B 311 24.73 6.89 -19.37
CA VAL B 311 26.12 6.57 -19.68
C VAL B 311 27.01 7.65 -19.08
N THR B 312 28.16 7.25 -18.55
CA THR B 312 29.22 8.18 -18.23
C THR B 312 29.97 8.55 -19.51
N ARG B 313 30.91 9.50 -19.37
CA ARG B 313 31.70 9.93 -20.52
C ARG B 313 32.62 8.83 -21.02
N ALA B 314 33.12 7.98 -20.10
CA ALA B 314 34.03 6.90 -20.44
C ALA B 314 33.36 5.78 -21.25
N GLU B 315 32.04 5.77 -21.36
CA GLU B 315 31.37 4.70 -22.10
C GLU B 315 31.11 5.07 -23.55
N TRP B 316 30.68 6.30 -23.84
CA TRP B 316 30.43 6.71 -25.21
C TRP B 316 31.64 7.36 -25.86
N GLU B 317 32.78 7.41 -25.18
CA GLU B 317 34.00 7.90 -25.81
C GLU B 317 34.59 6.90 -26.78
N GLN B 318 34.20 5.63 -26.68
CA GLN B 318 34.69 4.58 -27.55
C GLN B 318 33.91 4.48 -28.85
N LYS B 319 32.88 5.32 -29.04
CA LYS B 319 32.08 5.51 -30.26
C LYS B 319 31.20 4.29 -30.56
N ASP B 320 31.22 3.29 -29.69
CA ASP B 320 30.45 2.07 -29.91
C ASP B 320 28.98 2.31 -29.59
N GLU B 321 28.12 1.55 -30.28
CA GLU B 321 26.69 1.80 -30.22
C GLU B 321 26.06 1.12 -29.01
N PHE B 322 25.35 1.90 -28.20
CA PHE B 322 24.43 1.37 -27.20
C PHE B 322 23.22 0.85 -27.96
N ILE B 323 22.98 -0.45 -27.88
CA ILE B 323 21.95 -1.08 -28.69
C ILE B 323 20.84 -1.58 -27.77
N CYS B 324 19.67 -0.97 -27.90
CA CYS B 324 18.50 -1.32 -27.12
C CYS B 324 17.78 -2.48 -27.80
N ARG B 325 17.62 -3.58 -27.07
CA ARG B 325 17.15 -4.85 -27.60
C ARG B 325 15.87 -5.25 -26.90
N ALA B 326 14.83 -5.56 -27.69
CA ALA B 326 13.57 -6.00 -27.16
C ALA B 326 13.39 -7.48 -27.49
N VAL B 327 13.15 -8.29 -26.47
CA VAL B 327 12.91 -9.71 -26.61
C VAL B 327 11.42 -9.95 -26.38
N HIS B 328 10.77 -10.53 -27.39
CA HIS B 328 9.32 -10.65 -27.41
C HIS B 328 8.97 -11.89 -28.22
N GLU B 329 7.76 -12.42 -27.98
CA GLU B 329 7.34 -13.65 -28.64
C GLU B 329 7.04 -13.42 -30.11
N ALA B 330 6.62 -12.21 -30.49
CA ALA B 330 6.23 -11.91 -31.85
C ALA B 330 7.29 -11.15 -32.64
N ALA B 331 8.53 -11.10 -32.14
CA ALA B 331 9.61 -10.39 -32.82
C ALA B 331 10.31 -11.34 -33.79
N SER B 332 9.59 -11.68 -34.85
CA SER B 332 10.06 -12.64 -35.83
C SER B 332 11.28 -12.10 -36.59
N PRO B 333 12.25 -12.96 -36.94
CA PRO B 333 12.32 -14.42 -36.71
C PRO B 333 13.20 -14.86 -35.55
N SER B 334 13.95 -13.98 -34.89
CA SER B 334 14.91 -14.37 -33.87
C SER B 334 14.38 -14.18 -32.45
N GLN B 335 13.09 -13.85 -32.30
CA GLN B 335 12.46 -13.45 -31.04
C GLN B 335 13.20 -12.29 -30.38
N THR B 336 13.66 -11.35 -31.22
CA THR B 336 14.55 -10.27 -30.81
C THR B 336 14.59 -9.18 -31.87
N VAL B 337 14.30 -7.93 -31.50
CA VAL B 337 14.44 -6.80 -32.40
C VAL B 337 15.21 -5.69 -31.68
N GLN B 338 16.23 -5.16 -32.35
CA GLN B 338 17.18 -4.27 -31.69
C GLN B 338 17.43 -3.02 -32.53
N ARG B 339 17.65 -1.91 -31.83
CA ARG B 339 18.02 -0.64 -32.46
C ARG B 339 19.26 -0.10 -31.78
N ALA B 340 20.29 0.19 -32.57
CA ALA B 340 21.56 0.66 -32.03
C ALA B 340 21.72 2.15 -32.27
N VAL B 341 22.02 2.89 -31.22
CA VAL B 341 22.27 4.32 -31.33
C VAL B 341 23.54 4.66 -30.58
N SER B 342 24.17 5.76 -30.98
CA SER B 342 25.30 6.30 -30.25
C SER B 342 25.12 7.79 -30.13
N VAL B 343 25.74 8.37 -29.10
CA VAL B 343 25.71 9.81 -28.92
C VAL B 343 26.58 10.46 -29.99
N ASN B 344 26.02 11.47 -30.67
CA ASN B 344 26.49 12.16 -31.89
C ASN B 344 27.63 11.54 -32.73
N THR C 29 16.75 34.70 25.54
CA THR C 29 16.00 34.06 24.47
C THR C 29 15.13 32.92 25.01
N PRO C 30 13.93 32.77 24.48
CA PRO C 30 13.07 31.63 24.85
C PRO C 30 13.64 30.33 24.31
N PRO C 31 13.60 29.26 25.09
CA PRO C 31 14.11 27.98 24.61
C PRO C 31 13.21 27.35 23.56
N THR C 32 13.83 26.70 22.58
CA THR C 32 13.12 25.89 21.60
C THR C 32 13.10 24.45 22.09
N VAL C 33 11.91 23.94 22.35
CA VAL C 33 11.75 22.62 22.96
C VAL C 33 10.96 21.73 22.00
N LYS C 34 11.43 20.48 21.87
CA LYS C 34 10.77 19.47 21.05
C LYS C 34 10.69 18.19 21.86
N ILE C 35 9.81 17.28 21.41
CA ILE C 35 9.53 16.03 22.10
C ILE C 35 9.57 14.89 21.09
N LEU C 36 10.31 13.84 21.42
CA LEU C 36 10.49 12.66 20.57
C LEU C 36 10.05 11.42 21.33
N GLN C 37 9.47 10.46 20.60
CA GLN C 37 9.09 9.18 21.16
C GLN C 37 9.89 8.07 20.51
N SER C 38 9.97 6.93 21.18
CA SER C 38 10.69 5.80 20.62
C SER C 38 9.89 5.17 19.49
N SER C 39 10.56 4.86 18.39
CA SER C 39 9.90 4.31 17.22
C SER C 39 9.46 2.87 17.45
N CYS C 40 8.45 2.46 16.71
CA CYS C 40 7.79 1.16 16.90
C CYS C 40 8.26 0.17 15.84
N ASP C 41 9.04 -0.81 16.26
CA ASP C 41 9.46 -1.93 15.41
C ASP C 41 9.75 -3.14 16.30
N GLY C 42 9.28 -4.32 15.90
CA GLY C 42 8.58 -4.82 14.71
C GLY C 42 7.23 -4.25 14.33
N GLY C 43 7.15 -3.72 13.10
CA GLY C 43 6.08 -2.88 12.59
C GLY C 43 4.68 -3.39 12.86
N GLY C 44 3.83 -2.54 13.43
CA GLY C 44 2.75 -3.08 14.24
C GLY C 44 3.11 -3.06 15.71
N HIS C 45 3.70 -4.16 16.20
CA HIS C 45 3.98 -4.35 17.62
C HIS C 45 4.91 -3.27 18.17
N PHE C 46 4.50 -2.69 19.30
CA PHE C 46 5.27 -1.66 19.97
C PHE C 46 6.46 -2.27 20.71
N PRO C 47 7.51 -1.48 20.96
CA PRO C 47 8.56 -1.94 21.87
C PRO C 47 8.04 -1.97 23.30
N PRO C 48 8.63 -2.82 24.16
CA PRO C 48 8.13 -2.89 25.55
C PRO C 48 8.44 -1.64 26.37
N THR C 49 9.58 -1.01 26.16
CA THR C 49 9.98 0.17 26.92
C THR C 49 9.95 1.37 25.98
N ILE C 50 8.81 2.05 25.94
CA ILE C 50 8.66 3.27 25.16
C ILE C 50 9.34 4.41 25.91
N GLN C 51 10.27 5.08 25.24
CA GLN C 51 11.06 6.14 25.85
C GLN C 51 10.70 7.48 25.22
N LEU C 52 10.44 8.47 26.05
CA LEU C 52 10.13 9.82 25.60
C LEU C 52 11.31 10.74 25.95
N LEU C 53 11.81 11.45 24.95
CA LEU C 53 12.96 12.35 25.12
C LEU C 53 12.52 13.76 24.74
N CYS C 54 12.49 14.66 25.70
CA CYS C 54 12.13 16.06 25.45
C CYS C 54 13.42 16.87 25.37
N LEU C 55 13.82 17.19 24.13
CA LEU C 55 15.05 17.92 23.88
C LEU C 55 14.76 19.41 23.90
N VAL C 56 15.39 20.13 24.82
CA VAL C 56 15.28 21.58 24.91
C VAL C 56 16.64 22.18 24.53
N SER C 57 16.62 23.05 23.52
CA SER C 57 17.85 23.61 22.97
C SER C 57 17.62 25.07 22.63
N GLY C 58 18.72 25.77 22.35
CA GLY C 58 18.66 27.17 21.98
C GLY C 58 18.23 28.11 23.09
N TYR C 59 18.74 27.90 24.30
CA TYR C 59 18.42 28.75 25.44
C TYR C 59 19.70 29.36 25.99
N THR C 60 19.54 30.48 26.70
CA THR C 60 20.63 31.02 27.48
C THR C 60 20.93 30.09 28.65
N PRO C 61 22.19 29.70 28.85
CA PRO C 61 22.50 28.70 29.88
C PRO C 61 22.27 29.23 31.30
N GLY C 62 21.86 28.32 32.18
CA GLY C 62 21.52 28.66 33.55
C GLY C 62 20.90 27.51 34.30
N THR C 63 19.81 27.77 35.02
CA THR C 63 19.11 26.76 35.78
C THR C 63 17.73 26.53 35.16
N ILE C 64 17.43 25.27 34.84
CA ILE C 64 16.19 24.89 34.20
C ILE C 64 15.55 23.77 35.03
N ASN C 65 14.27 23.92 35.34
CA ASN C 65 13.52 22.90 36.05
C ASN C 65 12.76 22.04 35.03
N ILE C 66 13.02 20.74 35.05
CA ILE C 66 12.42 19.79 34.13
C ILE C 66 11.52 18.85 34.94
N THR C 67 10.26 18.73 34.52
CA THR C 67 9.36 17.76 35.13
C THR C 67 8.46 17.18 34.05
N TRP C 68 7.74 16.13 34.41
CA TRP C 68 6.86 15.42 33.48
C TRP C 68 5.45 15.38 34.04
N LEU C 69 4.46 15.48 33.15
CA LEU C 69 3.06 15.57 33.53
C LEU C 69 2.27 14.48 32.82
N GLU C 70 1.46 13.75 33.59
CA GLU C 70 0.47 12.81 33.07
C GLU C 70 -0.88 13.48 33.20
N ASP C 71 -1.30 14.18 32.13
CA ASP C 71 -2.49 15.03 32.10
C ASP C 71 -2.46 16.07 33.22
N GLY C 72 -1.29 16.60 33.51
CA GLY C 72 -1.10 17.54 34.60
C GLY C 72 -0.72 16.95 35.93
N GLN C 73 -0.32 15.67 35.97
CA GLN C 73 0.05 15.01 37.22
C GLN C 73 1.46 14.46 37.12
N VAL C 74 2.22 14.61 38.19
CA VAL C 74 3.66 14.33 38.21
C VAL C 74 3.88 12.92 38.73
N MET C 75 4.69 12.13 38.00
CA MET C 75 5.01 10.76 38.35
C MET C 75 6.17 10.71 39.34
N ASP C 76 6.75 9.53 39.51
CA ASP C 76 7.94 9.33 40.30
C ASP C 76 9.15 8.89 39.48
N VAL C 77 8.99 8.65 38.19
CA VAL C 77 10.04 8.09 37.35
C VAL C 77 10.45 9.11 36.28
N ASP C 78 11.74 9.42 36.23
CA ASP C 78 12.35 10.30 35.24
C ASP C 78 13.85 10.05 35.26
N LEU C 79 14.54 10.54 34.24
CA LEU C 79 16.00 10.44 34.17
C LEU C 79 16.56 11.86 34.07
N SER C 80 17.52 12.16 34.94
CA SER C 80 18.14 13.48 34.95
C SER C 80 19.57 13.44 34.40
N THR C 81 19.85 12.46 33.54
CA THR C 81 21.21 12.15 33.11
C THR C 81 21.83 13.23 32.24
N ALA C 82 21.07 13.76 31.28
CA ALA C 82 21.64 14.60 30.24
C ALA C 82 21.98 15.99 30.76
N SER C 83 23.26 16.37 30.63
CA SER C 83 23.75 17.67 31.04
C SER C 83 23.58 18.68 29.91
N THR C 84 23.96 19.92 30.17
CA THR C 84 23.88 20.99 29.20
C THR C 84 25.06 20.89 28.24
N THR C 85 24.90 21.48 27.05
CA THR C 85 25.94 21.48 26.03
C THR C 85 25.98 22.86 25.39
N GLN C 86 26.93 23.69 25.80
CA GLN C 86 27.01 25.08 25.36
C GLN C 86 27.59 25.14 23.96
N GLU C 87 26.70 25.13 22.95
CA GLU C 87 27.10 25.29 21.55
C GLU C 87 27.03 26.77 21.22
N GLY C 88 28.14 27.47 21.42
CA GLY C 88 28.16 28.91 21.16
C GLY C 88 27.48 29.65 22.28
N GLU C 89 26.58 30.57 21.93
CA GLU C 89 25.83 31.33 22.90
C GLU C 89 24.60 30.60 23.43
N LEU C 90 24.24 29.47 22.82
CA LEU C 90 23.07 28.70 23.21
C LEU C 90 23.51 27.38 23.86
N ALA C 91 22.55 26.68 24.43
CA ALA C 91 22.81 25.43 25.13
C ALA C 91 21.69 24.44 24.83
N SER C 92 21.93 23.18 25.19
CA SER C 92 20.98 22.11 24.89
C SER C 92 21.09 21.01 25.93
N THR C 93 19.93 20.50 26.35
CA THR C 93 19.86 19.35 27.25
C THR C 93 18.54 18.65 27.00
N GLN C 94 18.34 17.51 27.64
CA GLN C 94 17.12 16.72 27.47
C GLN C 94 16.88 15.88 28.72
N SER C 95 15.82 15.09 28.67
CA SER C 95 15.48 14.16 29.73
C SER C 95 14.67 13.01 29.15
N GLU C 96 14.83 11.83 29.73
CA GLU C 96 14.26 10.61 29.19
C GLU C 96 13.28 10.02 30.21
N LEU C 97 12.10 9.65 29.75
CA LEU C 97 11.13 8.90 30.55
C LEU C 97 10.99 7.51 29.93
N THR C 98 11.11 6.49 30.77
CA THR C 98 10.92 5.11 30.34
C THR C 98 9.60 4.58 30.90
N LEU C 99 8.88 3.83 30.07
CA LEU C 99 7.54 3.40 30.39
C LEU C 99 7.41 1.89 30.28
N SER C 100 6.36 1.36 30.89
CA SER C 100 5.92 0.00 30.59
C SER C 100 5.15 -0.01 29.28
N GLN C 101 4.89 -1.22 28.78
CA GLN C 101 4.24 -1.35 27.48
C GLN C 101 2.77 -0.93 27.55
N LYS C 102 2.05 -1.38 28.57
CA LYS C 102 0.62 -1.16 28.65
C LYS C 102 0.25 0.28 29.01
N HIS C 103 1.21 1.08 29.50
CA HIS C 103 0.92 2.46 29.84
C HIS C 103 0.77 3.33 28.59
N TRP C 104 1.36 2.91 27.47
CA TRP C 104 1.28 3.73 26.26
C TRP C 104 -0.09 3.61 25.58
N LEU C 105 -0.71 2.43 25.63
CA LEU C 105 -2.04 2.25 25.05
C LEU C 105 -3.16 2.66 25.99
N SER C 106 -2.84 3.30 27.12
CA SER C 106 -3.86 3.83 28.02
C SER C 106 -4.40 5.18 27.57
N ASP C 107 -3.81 5.77 26.52
CA ASP C 107 -4.20 7.06 25.94
C ASP C 107 -4.15 8.19 26.97
N ARG C 108 -2.99 8.35 27.58
CA ARG C 108 -2.74 9.39 28.57
C ARG C 108 -1.79 10.42 28.00
N THR C 109 -2.18 11.68 28.05
CA THR C 109 -1.35 12.74 27.50
C THR C 109 -0.16 13.00 28.41
N TYR C 110 1.03 13.02 27.83
CA TYR C 110 2.27 13.26 28.55
C TYR C 110 2.85 14.59 28.13
N THR C 111 3.43 15.32 29.07
CA THR C 111 3.92 16.66 28.82
C THR C 111 5.27 16.84 29.49
N CYS C 112 6.28 17.23 28.72
CA CYS C 112 7.56 17.63 29.31
C CYS C 112 7.50 19.11 29.63
N GLN C 113 7.35 19.41 30.92
CA GLN C 113 7.18 20.77 31.41
C GLN C 113 8.54 21.34 31.80
N VAL C 114 8.88 22.48 31.20
CA VAL C 114 10.17 23.13 31.43
C VAL C 114 9.94 24.53 31.97
N THR C 115 10.55 24.82 33.11
CA THR C 115 10.48 26.13 33.77
C THR C 115 11.85 26.77 33.68
N TYR C 116 11.89 28.00 33.15
CA TYR C 116 13.13 28.75 32.97
C TYR C 116 12.84 30.23 33.10
N GLN C 117 13.56 30.90 34.01
CA GLN C 117 13.44 32.34 34.30
C GLN C 117 12.02 32.72 34.71
N GLY C 118 11.36 31.83 35.45
CA GLY C 118 9.98 32.06 35.82
C GLY C 118 8.97 31.86 34.71
N HIS C 119 9.39 31.29 33.58
CA HIS C 119 8.54 31.09 32.43
C HIS C 119 8.28 29.61 32.22
N THR C 120 7.08 29.31 31.75
CA THR C 120 6.53 27.96 31.67
C THR C 120 6.35 27.55 30.22
N PHE C 121 6.92 26.41 29.83
CA PHE C 121 6.80 25.93 28.46
C PHE C 121 6.49 24.44 28.48
N GLU C 122 5.65 24.02 27.54
CA GLU C 122 5.11 22.66 27.57
C GLU C 122 4.99 22.09 26.17
N ASP C 123 5.44 20.84 26.01
CA ASP C 123 5.11 20.02 24.86
C ASP C 123 4.45 18.73 25.32
N SER C 124 3.50 18.25 24.52
CA SER C 124 2.70 17.09 24.87
C SER C 124 2.74 16.07 23.73
N THR C 125 2.83 14.80 24.11
CA THR C 125 2.64 13.67 23.23
C THR C 125 1.81 12.61 23.94
N LYS C 126 0.93 11.96 23.20
CA LYS C 126 0.28 10.75 23.69
C LYS C 126 0.48 9.65 22.65
N LYS C 127 -0.21 8.52 22.80
CA LYS C 127 -0.21 7.50 21.77
C LYS C 127 -0.80 8.06 20.49
N CYS C 128 -0.11 7.82 19.38
CA CYS C 128 -0.53 8.33 18.08
C CYS C 128 -1.82 7.63 17.65
N ALA C 129 -2.89 8.42 17.50
CA ALA C 129 -4.16 7.88 17.05
C ALA C 129 -4.06 7.45 15.59
N ASP C 130 -4.95 6.56 15.19
CA ASP C 130 -4.87 5.92 13.88
C ASP C 130 -5.15 6.91 12.77
N SER C 131 -4.43 6.75 11.66
CA SER C 131 -4.70 7.56 10.46
C SER C 131 -6.06 7.24 9.88
N ASN C 132 -6.53 6.01 10.06
CA ASN C 132 -7.88 5.62 9.70
C ASN C 132 -8.60 5.19 10.96
N PRO C 133 -9.38 6.08 11.60
CA PRO C 133 -10.12 5.71 12.80
C PRO C 133 -11.24 4.74 12.48
N ARG C 134 -11.09 3.50 12.97
CA ARG C 134 -12.02 2.36 12.82
C ARG C 134 -12.24 1.91 11.37
N GLY C 135 -11.51 2.51 10.42
CA GLY C 135 -11.57 2.10 9.04
C GLY C 135 -11.72 3.25 8.07
N VAL C 136 -12.09 4.42 8.58
CA VAL C 136 -12.42 5.58 7.74
C VAL C 136 -11.13 6.26 7.32
N SER C 137 -10.76 6.10 6.05
CA SER C 137 -9.49 6.62 5.53
C SER C 137 -9.72 7.93 4.79
N ALA C 138 -8.80 8.88 4.99
CA ALA C 138 -8.85 10.18 4.34
C ALA C 138 -7.54 10.43 3.62
N TYR C 139 -7.63 10.84 2.35
CA TYR C 139 -6.49 11.14 1.52
C TYR C 139 -6.56 12.60 1.09
N LEU C 140 -5.54 13.37 1.42
CA LEU C 140 -5.48 14.79 1.08
C LEU C 140 -4.44 14.99 -0.01
N SER C 141 -4.91 15.22 -1.23
CA SER C 141 -4.02 15.37 -2.36
C SER C 141 -3.38 16.76 -2.37
N ARG C 142 -2.20 16.83 -2.95
CA ARG C 142 -1.52 18.08 -3.17
C ARG C 142 -1.89 18.63 -4.54
N PRO C 143 -1.92 19.95 -4.73
CA PRO C 143 -2.14 20.49 -6.07
C PRO C 143 -0.97 20.22 -6.99
N SER C 144 -1.28 19.83 -8.22
CA SER C 144 -0.26 19.60 -9.23
C SER C 144 0.33 20.93 -9.68
N PRO C 145 1.48 20.92 -10.37
CA PRO C 145 1.96 22.16 -11.00
C PRO C 145 1.00 22.73 -12.03
N PHE C 146 0.25 21.90 -12.74
CA PHE C 146 -0.92 22.40 -13.44
C PHE C 146 -1.98 22.85 -12.43
N ASP C 147 -2.62 23.98 -12.72
CA ASP C 147 -3.48 24.84 -11.90
C ASP C 147 -2.70 25.62 -10.85
N LEU C 148 -1.40 25.34 -10.71
CA LEU C 148 -0.54 26.10 -9.82
C LEU C 148 0.32 27.11 -10.56
N PHE C 149 0.57 26.91 -11.84
CA PHE C 149 1.47 27.78 -12.58
C PHE C 149 0.96 28.15 -13.97
N ILE C 150 -0.26 27.78 -14.33
CA ILE C 150 -0.78 28.08 -15.66
C ILE C 150 -2.03 28.96 -15.54
N ARG C 151 -3.07 28.44 -14.90
CA ARG C 151 -4.29 29.22 -14.67
C ARG C 151 -4.32 29.85 -13.29
N LYS C 152 -3.35 29.53 -12.43
CA LYS C 152 -3.18 30.08 -11.07
C LYS C 152 -4.42 29.88 -10.20
N SER C 153 -5.14 28.78 -10.42
CA SER C 153 -6.33 28.45 -9.62
C SER C 153 -6.20 27.01 -9.11
N PRO C 154 -5.35 26.79 -8.11
CA PRO C 154 -5.12 25.42 -7.65
C PRO C 154 -6.16 24.97 -6.63
N THR C 155 -6.53 23.70 -6.72
CA THR C 155 -7.57 23.14 -5.87
C THR C 155 -6.98 21.99 -5.06
N ILE C 156 -6.93 22.16 -3.75
CA ILE C 156 -6.58 21.07 -2.85
C ILE C 156 -7.83 20.22 -2.64
N THR C 157 -7.62 18.92 -2.39
CA THR C 157 -8.72 17.96 -2.35
C THR C 157 -8.58 17.05 -1.15
N CYS C 158 -9.57 17.08 -0.26
CA CYS C 158 -9.70 16.13 0.84
C CYS C 158 -10.75 15.10 0.44
N LEU C 159 -10.31 13.87 0.18
CA LEU C 159 -11.19 12.78 -0.19
C LEU C 159 -11.20 11.80 0.98
N VAL C 160 -12.27 11.82 1.76
CA VAL C 160 -12.45 10.84 2.82
C VAL C 160 -13.55 9.87 2.40
N VAL C 161 -13.14 8.62 2.17
CA VAL C 161 -14.05 7.55 1.78
C VAL C 161 -13.78 6.25 2.55
N ASP C 162 -14.53 6.07 3.63
CA ASP C 162 -15.01 4.74 4.02
C ASP C 162 -16.32 4.84 4.80
N LEU C 163 -17.02 5.97 4.80
CA LEU C 163 -17.99 6.27 5.83
C LEU C 163 -19.31 5.54 5.62
N ALA C 164 -19.88 5.08 6.72
CA ALA C 164 -21.23 4.51 6.70
C ALA C 164 -22.26 5.64 6.61
N PRO C 165 -23.34 5.44 5.87
CA PRO C 165 -24.33 6.52 5.73
C PRO C 165 -25.23 6.59 6.96
N SER C 166 -25.27 7.77 7.58
CA SER C 166 -26.12 8.02 8.74
C SER C 166 -26.83 9.34 8.56
N LYS C 167 -27.71 9.65 9.52
CA LYS C 167 -28.45 10.91 9.47
C LYS C 167 -27.56 12.10 9.78
N GLY C 168 -26.48 11.89 10.55
CA GLY C 168 -25.57 12.97 10.85
C GLY C 168 -24.68 13.30 9.67
N THR C 169 -24.40 14.59 9.51
CA THR C 169 -23.60 15.07 8.41
C THR C 169 -22.11 14.99 8.75
N VAL C 170 -21.29 15.07 7.71
CA VAL C 170 -19.84 14.98 7.85
C VAL C 170 -19.30 16.38 8.09
N ASN C 171 -18.95 16.68 9.34
CA ASN C 171 -18.46 18.00 9.72
C ASN C 171 -17.02 18.14 9.23
N LEU C 172 -16.85 18.76 8.07
CA LEU C 172 -15.54 18.93 7.45
C LEU C 172 -15.16 20.40 7.49
N THR C 173 -13.96 20.68 7.98
CA THR C 173 -13.46 22.04 8.05
C THR C 173 -12.02 22.08 7.56
N TRP C 174 -11.56 23.29 7.27
CA TRP C 174 -10.25 23.54 6.69
C TRP C 174 -9.50 24.56 7.54
N SER C 175 -8.20 24.37 7.66
CA SER C 175 -7.37 25.29 8.43
C SER C 175 -6.01 25.43 7.76
N ARG C 176 -5.27 26.43 8.20
CA ARG C 176 -3.88 26.63 7.78
C ARG C 176 -2.98 26.58 9.00
N ALA C 177 -1.67 26.72 8.77
CA ALA C 177 -0.71 26.73 9.86
C ALA C 177 -0.56 28.10 10.51
N SER C 178 -0.73 29.17 9.73
CA SER C 178 -0.63 30.53 10.24
C SER C 178 -1.96 31.10 10.69
N GLY C 179 -3.04 30.34 10.59
CA GLY C 179 -4.33 30.81 11.06
C GLY C 179 -5.04 31.80 10.17
N LYS C 180 -4.56 31.99 8.95
CA LYS C 180 -5.24 32.87 8.01
C LYS C 180 -6.56 32.24 7.57
N PRO C 181 -7.56 33.06 7.24
CA PRO C 181 -8.84 32.49 6.77
C PRO C 181 -8.71 31.82 5.42
N VAL C 182 -9.48 30.76 5.23
CA VAL C 182 -9.45 29.96 4.01
C VAL C 182 -10.71 30.29 3.20
N ASN C 183 -10.69 29.85 1.95
CA ASN C 183 -11.81 30.09 1.05
C ASN C 183 -12.90 29.05 1.27
N HIS C 184 -14.03 29.23 0.57
CA HIS C 184 -15.16 28.32 0.71
C HIS C 184 -14.90 27.06 -0.10
N SER C 185 -15.01 25.90 0.56
CA SER C 185 -14.81 24.62 -0.10
C SER C 185 -16.15 24.09 -0.63
N THR C 186 -16.04 23.13 -1.55
CA THR C 186 -17.21 22.50 -2.17
C THR C 186 -17.25 21.05 -1.73
N ARG C 187 -18.34 20.65 -1.08
CA ARG C 187 -18.50 19.29 -0.56
C ARG C 187 -19.33 18.46 -1.52
N LYS C 188 -19.00 17.18 -1.62
CA LYS C 188 -19.51 16.28 -2.64
C LYS C 188 -19.96 14.95 -2.03
N GLU C 189 -20.82 15.04 -1.00
CA GLU C 189 -21.37 13.86 -0.35
C GLU C 189 -22.19 13.02 -1.32
N GLU C 190 -21.80 11.75 -1.46
CA GLU C 190 -22.49 10.83 -2.34
C GLU C 190 -22.32 9.41 -1.81
N LYS C 191 -23.41 8.64 -1.81
CA LYS C 191 -23.36 7.24 -1.39
C LYS C 191 -22.95 6.38 -2.58
N GLN C 192 -22.00 5.49 -2.36
CA GLN C 192 -21.46 4.68 -3.45
C GLN C 192 -22.26 3.40 -3.63
N ARG C 193 -21.78 2.55 -4.54
CA ARG C 193 -22.44 1.28 -4.82
C ARG C 193 -22.26 0.30 -3.68
N ASN C 194 -21.11 0.33 -3.00
CA ASN C 194 -20.80 -0.61 -1.94
C ASN C 194 -21.21 -0.09 -0.56
N GLY C 195 -22.17 0.82 -0.52
CA GLY C 195 -22.75 1.25 0.74
C GLY C 195 -21.93 2.26 1.52
N THR C 196 -20.79 2.66 0.99
CA THR C 196 -19.94 3.63 1.68
C THR C 196 -20.41 5.04 1.36
N LEU C 197 -19.67 6.04 1.85
CA LEU C 197 -19.99 7.44 1.61
C LEU C 197 -18.73 8.17 1.20
N THR C 198 -18.80 8.89 0.09
CA THR C 198 -17.69 9.67 -0.44
C THR C 198 -17.86 11.12 -0.03
N VAL C 199 -16.88 11.67 0.68
CA VAL C 199 -16.87 13.09 0.99
C VAL C 199 -15.65 13.69 0.33
N THR C 200 -15.87 14.53 -0.68
CA THR C 200 -14.82 15.20 -1.42
C THR C 200 -14.94 16.70 -1.17
N SER C 201 -13.86 17.31 -0.71
CA SER C 201 -13.82 18.75 -0.45
C SER C 201 -12.69 19.36 -1.24
N THR C 202 -13.03 20.21 -2.20
CA THR C 202 -12.04 20.92 -3.01
C THR C 202 -12.01 22.38 -2.56
N LEU C 203 -10.84 22.85 -2.17
CA LEU C 203 -10.70 24.23 -1.76
C LEU C 203 -9.70 24.94 -2.66
N PRO C 204 -10.00 26.15 -3.11
CA PRO C 204 -9.00 26.92 -3.86
C PRO C 204 -7.91 27.45 -2.96
N VAL C 205 -6.73 26.83 -3.02
CA VAL C 205 -5.58 27.33 -2.26
C VAL C 205 -5.02 28.55 -2.95
N GLY C 206 -4.36 29.41 -2.16
CA GLY C 206 -3.62 30.53 -2.71
C GLY C 206 -2.30 30.03 -3.26
N THR C 207 -1.92 30.53 -4.43
CA THR C 207 -0.66 30.13 -5.05
C THR C 207 0.53 30.64 -4.24
N ARG C 208 0.45 31.89 -3.78
CA ARG C 208 1.56 32.51 -3.04
C ARG C 208 1.70 31.81 -1.69
N ASP C 209 0.57 31.49 -1.06
CA ASP C 209 0.57 30.81 0.23
C ASP C 209 1.04 29.37 0.11
N TRP C 210 0.76 28.71 -1.01
CA TRP C 210 1.28 27.37 -1.23
C TRP C 210 2.77 27.41 -1.50
N ILE C 211 3.26 28.46 -2.15
CA ILE C 211 4.70 28.64 -2.37
C ILE C 211 5.40 28.95 -1.04
N GLU C 212 4.71 29.64 -0.12
CA GLU C 212 5.21 29.84 1.25
C GLU C 212 5.49 28.53 1.97
N GLY C 213 4.72 27.50 1.70
CA GLY C 213 4.71 26.32 2.53
C GLY C 213 3.69 26.38 3.65
N GLU C 214 2.57 27.06 3.46
CA GLU C 214 1.51 27.09 4.46
C GLU C 214 0.83 25.73 4.48
N THR C 215 0.89 25.06 5.63
CA THR C 215 0.37 23.70 5.75
C THR C 215 -1.16 23.75 5.80
N TYR C 216 -1.81 23.21 4.77
CA TYR C 216 -3.26 23.17 4.74
C TYR C 216 -3.74 21.88 5.39
N GLN C 217 -4.73 22.00 6.27
CA GLN C 217 -5.24 20.88 7.05
C GLN C 217 -6.73 20.69 6.79
N CYS C 218 -7.09 19.44 6.54
CA CYS C 218 -8.47 18.98 6.43
C CYS C 218 -8.82 18.24 7.71
N ARG C 219 -9.88 18.70 8.39
CA ARG C 219 -10.33 18.07 9.63
C ARG C 219 -11.76 17.55 9.42
N VAL C 220 -11.94 16.26 9.68
CA VAL C 220 -13.21 15.58 9.48
C VAL C 220 -13.68 15.04 10.83
N THR C 221 -14.90 15.41 11.22
CA THR C 221 -15.52 14.87 12.42
C THR C 221 -16.90 14.34 12.06
N HIS C 222 -17.20 13.14 12.56
CA HIS C 222 -18.46 12.45 12.30
C HIS C 222 -19.07 12.04 13.63
N PRO C 223 -20.40 11.84 13.67
CA PRO C 223 -21.02 11.34 14.90
C PRO C 223 -20.52 9.98 15.37
N HIS C 224 -20.17 9.08 14.46
CA HIS C 224 -19.66 7.76 14.86
C HIS C 224 -18.18 7.59 14.52
N LEU C 225 -17.43 8.68 14.56
CA LEU C 225 -15.97 8.63 14.54
C LEU C 225 -15.47 9.01 15.92
N PRO C 226 -14.68 8.15 16.59
CA PRO C 226 -14.29 8.46 17.98
C PRO C 226 -13.34 9.64 18.12
N ARG C 227 -12.48 9.87 17.14
CA ARG C 227 -11.57 11.00 17.18
C ARG C 227 -11.52 11.67 15.81
N ALA C 228 -10.99 12.89 15.80
CA ALA C 228 -11.00 13.70 14.60
C ALA C 228 -9.98 13.19 13.57
N LEU C 229 -10.37 13.28 12.30
CA LEU C 229 -9.47 13.03 11.19
C LEU C 229 -8.73 14.31 10.82
N MET C 230 -7.40 14.25 10.87
CA MET C 230 -6.56 15.39 10.52
C MET C 230 -5.60 14.98 9.42
N ARG C 231 -5.72 15.61 8.26
CA ARG C 231 -4.78 15.42 7.16
C ARG C 231 -4.13 16.76 6.84
N SER C 232 -2.84 16.74 6.56
CA SER C 232 -2.11 17.98 6.32
C SER C 232 -1.22 17.83 5.09
N THR C 233 -1.17 18.88 4.28
CA THR C 233 -0.24 18.91 3.15
C THR C 233 0.51 20.23 3.14
N THR C 234 1.73 20.15 2.61
CA THR C 234 2.64 21.28 2.51
C THR C 234 3.29 21.20 1.14
N LYS C 235 3.86 22.32 0.70
CA LYS C 235 4.77 22.31 -0.44
C LYS C 235 5.94 21.38 -0.14
N THR C 236 6.27 20.52 -1.10
CA THR C 236 7.21 19.42 -0.86
C THR C 236 8.61 19.94 -0.60
N SER C 237 9.16 19.58 0.56
CA SER C 237 10.45 20.07 0.98
C SER C 237 11.57 19.33 0.26
N GLY C 238 12.80 19.74 0.53
CA GLY C 238 13.95 19.15 -0.10
C GLY C 238 14.60 20.11 -1.09
N PRO C 239 15.32 19.56 -2.06
CA PRO C 239 16.00 20.41 -3.04
C PRO C 239 15.03 20.94 -4.09
N ARG C 240 15.57 21.78 -4.96
CA ARG C 240 14.86 22.30 -6.12
C ARG C 240 15.71 22.08 -7.36
N ALA C 241 15.08 21.63 -8.44
CA ALA C 241 15.80 21.39 -9.68
C ALA C 241 14.86 21.62 -10.85
N ALA C 242 15.31 22.39 -11.83
CA ALA C 242 14.54 22.60 -13.03
C ALA C 242 14.49 21.32 -13.86
N PRO C 243 13.38 21.07 -14.57
CA PRO C 243 13.32 19.91 -15.45
C PRO C 243 14.26 20.07 -16.65
N GLU C 244 14.59 18.93 -17.25
CA GLU C 244 15.57 18.81 -18.32
C GLU C 244 14.92 18.16 -19.54
N VAL C 245 13.80 18.73 -19.98
CA VAL C 245 12.96 18.24 -21.07
C VAL C 245 13.74 18.00 -22.35
N TYR C 246 13.68 16.78 -22.85
CA TYR C 246 14.05 16.45 -24.23
C TYR C 246 12.84 15.79 -24.87
N ALA C 247 12.61 16.10 -26.14
CA ALA C 247 11.40 15.62 -26.80
C ALA C 247 11.76 15.18 -28.21
N PHE C 248 11.59 13.89 -28.49
CA PHE C 248 11.98 13.29 -29.75
C PHE C 248 10.77 12.83 -30.55
N ALA C 249 10.91 12.82 -31.86
CA ALA C 249 9.98 12.15 -32.75
C ALA C 249 10.44 10.70 -32.91
N THR C 250 9.85 9.99 -33.87
CA THR C 250 10.28 8.63 -34.13
C THR C 250 10.60 8.46 -35.60
N PRO C 251 11.54 7.58 -35.95
CA PRO C 251 11.77 7.26 -37.36
C PRO C 251 10.56 6.58 -37.98
N GLU C 252 10.41 6.77 -39.28
CA GLU C 252 9.22 6.28 -39.99
C GLU C 252 9.25 4.77 -40.09
N TRP C 253 8.15 4.14 -39.69
CA TRP C 253 8.07 2.69 -39.64
C TRP C 253 7.45 2.17 -40.94
N PRO C 254 7.96 1.06 -41.48
CA PRO C 254 7.32 0.46 -42.66
C PRO C 254 5.96 -0.12 -42.29
N GLY C 255 4.97 0.15 -43.15
CA GLY C 255 3.61 -0.25 -42.86
C GLY C 255 2.85 0.65 -41.93
N SER C 256 3.45 1.76 -41.50
CA SER C 256 2.81 2.72 -40.61
C SER C 256 2.66 4.04 -41.34
N ARG C 257 1.41 4.47 -41.54
CA ARG C 257 1.12 5.73 -42.20
C ARG C 257 0.45 6.75 -41.28
N ASP C 258 -0.10 6.32 -40.13
CA ASP C 258 -0.93 7.19 -39.33
C ASP C 258 -0.45 7.36 -37.89
N LYS C 259 0.40 6.45 -37.41
CA LYS C 259 0.72 6.45 -35.97
C LYS C 259 1.72 7.54 -35.61
N ARG C 260 2.96 7.41 -36.10
CA ARG C 260 4.00 8.46 -36.11
C ARG C 260 4.23 9.08 -34.74
N THR C 261 4.34 8.23 -33.72
CA THR C 261 4.26 8.68 -32.33
C THR C 261 5.51 9.44 -31.90
N LEU C 262 5.35 10.20 -30.82
CA LEU C 262 6.38 11.09 -30.29
C LEU C 262 6.59 10.80 -28.81
N ALA C 263 7.83 10.93 -28.36
CA ALA C 263 8.20 10.66 -26.99
C ALA C 263 8.82 11.90 -26.36
N CYS C 264 8.74 11.99 -25.04
CA CYS C 264 9.27 13.12 -24.30
C CYS C 264 9.81 12.62 -22.97
N LEU C 265 11.14 12.70 -22.82
CA LEU C 265 11.83 12.32 -21.61
C LEU C 265 12.14 13.60 -20.83
N ILE C 266 11.57 13.73 -19.65
CA ILE C 266 11.77 14.88 -18.78
C ILE C 266 12.47 14.35 -17.54
N GLN C 267 13.65 14.88 -17.25
CA GLN C 267 14.49 14.26 -16.24
C GLN C 267 15.06 15.30 -15.28
N ASN C 268 15.52 14.79 -14.13
CA ASN C 268 16.34 15.50 -13.15
C ASN C 268 15.64 16.75 -12.61
N PHE C 269 14.52 16.51 -11.94
CA PHE C 269 13.78 17.58 -11.29
C PHE C 269 13.45 17.21 -9.85
N MET C 270 13.48 18.21 -8.98
CA MET C 270 13.08 18.14 -7.59
C MET C 270 11.91 19.08 -7.36
N PRO C 271 10.81 18.63 -6.76
CA PRO C 271 10.45 17.29 -6.28
C PRO C 271 9.69 16.48 -7.32
N GLU C 272 8.91 15.48 -6.87
CA GLU C 272 8.21 14.59 -7.78
C GLU C 272 7.07 15.28 -8.52
N ASP C 273 6.60 16.42 -8.02
CA ASP C 273 5.42 17.06 -8.60
C ASP C 273 5.76 17.73 -9.92
N ILE C 274 5.12 17.28 -10.98
CA ILE C 274 5.36 17.78 -12.33
C ILE C 274 4.10 17.49 -13.15
N SER C 275 3.73 18.43 -14.03
CA SER C 275 2.63 18.17 -14.94
C SER C 275 3.09 18.32 -16.36
N VAL C 276 2.74 17.35 -17.21
CA VAL C 276 3.21 17.28 -18.59
C VAL C 276 2.02 17.46 -19.52
N GLN C 277 2.11 18.44 -20.43
CA GLN C 277 1.12 18.63 -21.47
C GLN C 277 1.80 18.67 -22.82
N TRP C 278 0.99 18.57 -23.86
CA TRP C 278 1.46 18.64 -25.24
C TRP C 278 0.75 19.78 -25.94
N LEU C 279 1.50 20.51 -26.77
CA LEU C 279 1.02 21.70 -27.45
C LEU C 279 1.11 21.48 -28.94
N HIS C 280 -0.05 21.49 -29.59
CA HIS C 280 -0.18 21.52 -31.05
C HIS C 280 -0.67 22.90 -31.46
N ASN C 281 0.04 23.50 -32.43
CA ASN C 281 -0.06 24.88 -32.98
C ASN C 281 -0.53 25.90 -31.94
N GLU C 282 0.17 25.91 -30.80
CA GLU C 282 -0.09 26.79 -29.65
C GLU C 282 -1.49 26.59 -29.06
N VAL C 283 -2.06 25.39 -29.21
CA VAL C 283 -3.31 25.00 -28.56
C VAL C 283 -3.02 23.76 -27.71
N GLN C 284 -3.56 23.75 -26.50
CA GLN C 284 -3.29 22.64 -25.59
C GLN C 284 -4.03 21.39 -26.03
N LEU C 285 -3.30 20.27 -26.13
CA LEU C 285 -3.88 19.00 -26.49
C LEU C 285 -4.59 18.39 -25.28
N PRO C 286 -5.61 17.55 -25.51
CA PRO C 286 -6.29 16.89 -24.39
C PRO C 286 -5.38 15.92 -23.65
N ASP C 287 -5.68 15.74 -22.36
CA ASP C 287 -4.84 14.91 -21.51
C ASP C 287 -5.00 13.42 -21.79
N ALA C 288 -6.08 13.02 -22.46
CA ALA C 288 -6.28 11.62 -22.79
C ALA C 288 -5.42 11.16 -23.96
N ARG C 289 -4.87 12.10 -24.75
CA ARG C 289 -4.10 11.72 -25.92
C ARG C 289 -2.72 11.19 -25.53
N HIS C 290 -2.10 11.76 -24.50
CA HIS C 290 -0.76 11.38 -24.09
C HIS C 290 -0.80 10.50 -22.85
N SER C 291 0.08 9.52 -22.81
CA SER C 291 0.19 8.56 -21.71
C SER C 291 1.42 8.93 -20.89
N THR C 292 1.20 9.66 -19.80
CA THR C 292 2.27 10.14 -18.94
C THR C 292 2.54 9.11 -17.85
N THR C 293 3.78 8.65 -17.76
CA THR C 293 4.15 7.74 -16.70
C THR C 293 4.33 8.48 -15.39
N GLN C 294 4.32 7.72 -14.30
CA GLN C 294 4.56 8.30 -12.99
C GLN C 294 6.04 8.66 -12.83
N PRO C 295 6.35 9.70 -12.04
CA PRO C 295 7.76 10.06 -11.83
C PRO C 295 8.51 9.02 -11.02
N ARG C 296 9.42 8.32 -11.68
CA ARG C 296 10.23 7.28 -11.05
C ARG C 296 11.64 7.83 -10.84
N LYS C 297 12.28 7.42 -9.75
CA LYS C 297 13.56 7.99 -9.36
C LYS C 297 14.67 7.52 -10.28
N THR C 298 15.44 8.47 -10.82
CA THR C 298 16.61 8.14 -11.60
C THR C 298 17.79 7.88 -10.66
N LYS C 299 18.90 7.40 -11.23
CA LYS C 299 20.03 6.98 -10.40
C LYS C 299 20.75 8.19 -9.82
N GLY C 300 21.00 9.21 -10.64
CA GLY C 300 21.80 10.34 -10.19
C GLY C 300 21.14 11.29 -9.21
N SER C 301 20.20 12.10 -9.68
CA SER C 301 19.68 13.20 -8.87
C SER C 301 18.18 13.12 -8.63
N GLY C 302 17.37 13.03 -9.69
CA GLY C 302 15.94 13.26 -9.51
C GLY C 302 14.99 12.22 -10.06
N PHE C 303 14.08 12.64 -10.91
CA PHE C 303 13.02 11.78 -11.42
C PHE C 303 12.91 11.94 -12.93
N PHE C 304 12.39 10.91 -13.59
CA PHE C 304 12.20 10.95 -15.03
C PHE C 304 10.75 10.60 -15.37
N VAL C 305 10.24 11.26 -16.41
CA VAL C 305 8.87 11.14 -16.88
C VAL C 305 8.93 10.94 -18.39
N PHE C 306 8.12 10.01 -18.91
CA PHE C 306 8.28 9.46 -20.25
C PHE C 306 7.02 9.62 -21.08
N SER C 307 6.53 10.86 -21.21
CA SER C 307 5.23 11.07 -21.84
C SER C 307 5.26 10.82 -23.34
N ARG C 308 4.28 10.06 -23.84
CA ARG C 308 4.23 9.63 -25.23
C ARG C 308 2.89 9.99 -25.84
N LEU C 309 2.91 10.60 -27.03
CA LEU C 309 1.71 11.05 -27.71
C LEU C 309 1.72 10.58 -29.16
N GLU C 310 0.59 10.03 -29.61
CA GLU C 310 0.44 9.63 -31.00
C GLU C 310 -0.37 10.69 -31.75
N VAL C 311 0.05 11.00 -32.97
CA VAL C 311 -0.59 12.00 -33.81
C VAL C 311 -0.98 11.38 -35.15
N THR C 312 -2.24 11.59 -35.56
CA THR C 312 -2.71 11.04 -36.81
C THR C 312 -2.08 11.78 -38.00
N ARG C 313 -2.38 11.27 -39.21
CA ARG C 313 -1.68 11.67 -40.43
C ARG C 313 -2.00 13.12 -40.82
N ALA C 314 -3.24 13.55 -40.55
CA ALA C 314 -3.68 14.89 -40.95
C ALA C 314 -2.92 15.98 -40.20
N GLU C 315 -2.68 15.77 -38.92
CA GLU C 315 -1.81 16.67 -38.16
C GLU C 315 -0.36 16.23 -38.18
N TRP C 316 -0.05 15.07 -38.76
CA TRP C 316 1.35 14.75 -39.03
C TRP C 316 1.89 15.60 -40.17
N GLU C 317 1.09 15.77 -41.23
CA GLU C 317 1.44 16.73 -42.28
C GLU C 317 1.40 18.15 -41.75
N GLN C 318 0.40 18.45 -40.91
CA GLN C 318 0.29 19.76 -40.25
C GLN C 318 1.05 19.75 -38.93
N LYS C 319 2.38 19.63 -39.04
CA LYS C 319 3.22 19.36 -37.88
C LYS C 319 3.32 20.58 -36.96
N ASP C 320 3.67 21.74 -37.55
CA ASP C 320 3.75 23.09 -36.95
C ASP C 320 4.31 23.11 -35.51
N GLU C 321 5.50 22.50 -35.35
CA GLU C 321 6.33 22.58 -34.14
C GLU C 321 5.60 22.04 -32.91
N PHE C 322 5.41 20.72 -32.90
CA PHE C 322 4.97 19.99 -31.72
C PHE C 322 5.80 20.32 -30.49
N ILE C 323 5.13 20.58 -29.38
CA ILE C 323 5.78 21.04 -28.16
C ILE C 323 5.41 20.09 -27.03
N CYS C 324 6.42 19.62 -26.28
CA CYS C 324 6.21 18.88 -25.04
C CYS C 324 6.55 19.81 -23.89
N ARG C 325 5.53 20.24 -23.15
CA ARG C 325 5.71 21.20 -22.07
C ARG C 325 5.61 20.47 -20.73
N ALA C 326 6.49 20.83 -19.79
CA ALA C 326 6.51 20.21 -18.47
C ALA C 326 6.54 21.31 -17.43
N VAL C 327 5.37 21.66 -16.88
CA VAL C 327 5.33 22.68 -15.85
C VAL C 327 5.78 22.11 -14.53
N HIS C 328 6.62 22.87 -13.82
CA HIS C 328 7.32 22.47 -12.62
C HIS C 328 7.62 23.72 -11.82
N GLU C 329 7.71 23.56 -10.48
CA GLU C 329 7.87 24.71 -9.61
C GLU C 329 9.29 25.28 -9.62
N ALA C 330 10.29 24.49 -10.01
CA ALA C 330 11.68 24.94 -9.96
C ALA C 330 12.22 25.32 -11.33
N ALA C 331 11.36 25.50 -12.33
CA ALA C 331 11.79 25.82 -13.68
C ALA C 331 11.97 27.33 -13.85
N SER C 332 12.97 27.86 -13.15
CA SER C 332 13.19 29.29 -13.09
C SER C 332 13.66 29.82 -14.45
N PRO C 333 13.20 31.01 -14.87
CA PRO C 333 12.24 31.90 -14.21
C PRO C 333 10.82 31.80 -14.74
N SER C 334 10.54 30.97 -15.72
CA SER C 334 9.26 30.98 -16.41
C SER C 334 8.31 29.87 -15.97
N GLN C 335 8.68 29.12 -14.90
CA GLN C 335 8.01 27.94 -14.34
C GLN C 335 7.49 26.96 -15.40
N THR C 336 8.24 26.80 -16.48
CA THR C 336 7.78 26.08 -17.67
C THR C 336 8.98 25.76 -18.56
N VAL C 337 9.18 24.49 -18.89
CA VAL C 337 10.21 24.07 -19.84
C VAL C 337 9.55 23.30 -20.97
N GLN C 338 9.81 23.73 -22.20
CA GLN C 338 9.23 23.12 -23.38
C GLN C 338 10.29 22.99 -24.47
N ARG C 339 10.13 21.98 -25.31
CA ARG C 339 11.03 21.75 -26.44
C ARG C 339 10.20 21.59 -27.71
N ALA C 340 10.87 21.26 -28.81
CA ALA C 340 10.24 21.19 -30.11
C ALA C 340 10.45 19.81 -30.72
N VAL C 341 9.41 19.29 -31.35
CA VAL C 341 9.45 18.00 -32.05
C VAL C 341 9.21 18.26 -33.52
N SER C 342 10.14 17.78 -34.35
CA SER C 342 9.99 17.85 -35.80
C SER C 342 10.12 16.45 -36.37
N VAL C 343 9.28 16.14 -37.36
CA VAL C 343 9.35 14.85 -38.04
C VAL C 343 10.65 14.75 -38.85
N ASN C 344 10.99 15.82 -39.57
CA ASN C 344 12.22 15.85 -40.34
C ASN C 344 13.40 16.27 -39.47
C1 NAG D . -25.37 -36.66 3.55
C2 NAG D . -23.98 -37.32 3.61
C3 NAG D . -22.88 -36.24 3.65
C4 NAG D . -23.03 -35.23 2.53
C5 NAG D . -24.44 -34.64 2.57
C6 NAG D . -24.74 -33.71 1.43
C7 NAG D . -23.09 -39.27 4.81
C8 NAG D . -23.11 -40.05 6.08
N2 NAG D . -23.88 -38.19 4.77
O3 NAG D . -21.60 -36.87 3.57
O4 NAG D . -22.09 -34.18 2.66
O5 NAG D . -25.41 -35.70 2.49
O6 NAG D . -26.15 -33.61 1.22
O7 NAG D . -22.38 -39.59 3.85
C1 NAG D . -21.03 -34.23 1.69
C2 NAG D . -20.75 -32.81 1.19
C3 NAG D . -19.57 -32.82 0.21
C4 NAG D . -18.34 -33.42 0.89
C5 NAG D . -18.69 -34.83 1.38
C6 NAG D . -17.56 -35.50 2.13
C7 NAG D . -22.27 -30.95 0.74
C8 NAG D . -23.50 -30.48 0.01
N2 NAG D . -21.91 -32.22 0.55
O3 NAG D . -19.37 -31.48 -0.24
O4 NAG D . -17.21 -33.52 0.02
O5 NAG D . -19.82 -34.79 2.26
O6 NAG D . -17.12 -34.71 3.23
O7 NAG D . -21.63 -30.19 1.47
C1 BMA D . -16.35 -32.36 0.15
C2 BMA D . -14.86 -32.65 0.06
C3 BMA D . -14.11 -31.30 0.18
C4 BMA D . -14.72 -30.09 -0.64
C5 BMA D . -16.28 -30.19 -0.82
C6 BMA D . -16.81 -29.51 -2.07
O2 BMA D . -14.53 -33.18 -1.22
O3 BMA D . -12.73 -31.46 -0.14
O4 BMA D . -14.40 -28.88 0.04
O5 BMA D . -16.68 -31.54 -0.94
O6 BMA D . -18.23 -29.46 -1.97
C1 NAG D . -13.76 -27.92 -0.83
C2 NAG D . -14.39 -26.54 -0.59
C3 NAG D . -13.72 -25.48 -1.48
C4 NAG D . -12.21 -25.49 -1.27
C5 NAG D . -11.66 -26.91 -1.48
C6 NAG D . -10.18 -27.01 -1.15
C7 NAG D . -16.72 -25.83 -0.16
C8 NAG D . -18.15 -26.01 -0.54
N2 NAG D . -15.82 -26.57 -0.84
O3 NAG D . -14.24 -24.20 -1.18
O4 NAG D . -11.59 -24.62 -2.20
O5 NAG D . -12.34 -27.84 -0.61
O6 NAG D . -9.44 -25.95 -1.75
O7 NAG D . -16.37 -25.06 0.72
C1 NAG E . -24.30 -11.67 16.15
C2 NAG E . -23.65 -10.86 17.28
C3 NAG E . -22.89 -11.79 18.23
C4 NAG E . -23.81 -12.90 18.74
C5 NAG E . -24.43 -13.64 17.57
C6 NAG E . -25.45 -14.68 17.98
C7 NAG E . -23.04 -8.55 16.73
C8 NAG E . -22.01 -7.64 16.14
N2 NAG E . -22.76 -9.85 16.73
O3 NAG E . -22.39 -11.03 19.32
O4 NAG E . -23.04 -13.80 19.53
O5 NAG E . -25.13 -12.71 16.72
O6 NAG E . -26.73 -14.10 18.20
O7 NAG E . -24.10 -8.12 17.16
C1 NAG E . -23.49 -13.79 20.91
C2 NAG E . -22.85 -14.97 21.63
C3 NAG E . -23.27 -14.99 23.10
C4 NAG E . -22.98 -13.66 23.76
C5 NAG E . -23.59 -12.51 22.96
C6 NAG E . -23.22 -11.15 23.48
C7 NAG E . -22.43 -16.83 20.08
C8 NAG E . -22.95 -18.11 19.51
N2 NAG E . -23.20 -16.23 20.99
O3 NAG E . -22.58 -16.03 23.78
O4 NAG E . -23.51 -13.63 25.08
O5 NAG E . -23.13 -12.57 21.59
O6 NAG E . -21.86 -10.84 23.23
O7 NAG E . -21.36 -16.36 19.73
C1 NAG F . 6.68 -5.94 3.76
C2 NAG F . 5.42 -5.56 3.00
C3 NAG F . 5.23 -6.47 1.79
C4 NAG F . 6.48 -6.45 0.92
C5 NAG F . 7.71 -6.77 1.75
C6 NAG F . 9.00 -6.63 0.98
C7 NAG F . 3.75 -4.52 4.48
C8 NAG F . 2.56 -4.74 5.34
N2 NAG F . 4.25 -5.61 3.88
O3 NAG F . 4.08 -6.04 1.08
O4 NAG F . 6.38 -7.43 -0.12
O5 NAG F . 7.81 -5.89 2.87
O6 NAG F . 10.03 -6.07 1.78
O7 NAG F . 4.26 -3.41 4.32
C1 NAG F . 6.04 -6.82 -1.38
C2 NAG F . 6.78 -7.51 -2.53
C3 NAG F . 6.30 -6.98 -3.88
C4 NAG F . 4.78 -7.04 -3.99
C5 NAG F . 4.14 -6.34 -2.80
C6 NAG F . 2.64 -6.46 -2.76
C7 NAG F . 9.08 -8.34 -2.27
C8 NAG F . 10.52 -7.95 -2.16
N2 NAG F . 8.21 -7.32 -2.40
O3 NAG F . 6.90 -7.74 -4.93
O4 NAG F . 4.36 -6.38 -5.18
O5 NAG F . 4.63 -6.94 -1.59
O6 NAG F . 2.14 -6.30 -1.44
O7 NAG F . 8.71 -9.50 -2.25
C1 BMA F . 3.85 -7.32 -6.15
C2 BMA F . 2.63 -6.67 -6.85
C3 BMA F . 2.16 -7.54 -8.03
C4 BMA F . 3.32 -7.97 -8.94
C5 BMA F . 4.43 -8.62 -8.10
C6 BMA F . 5.63 -9.00 -8.93
O2 BMA F . 2.98 -5.41 -7.39
O3 BMA F . 1.17 -6.87 -8.79
O4 BMA F . 2.84 -8.90 -9.91
O5 BMA F . 4.85 -7.68 -7.10
O6 BMA F . 6.67 -9.38 -8.05
C1 NAG G . -16.33 1.32 -1.91
C2 NAG G . -14.96 1.12 -1.27
C3 NAG G . -14.16 2.42 -1.36
C4 NAG G . -14.11 2.94 -2.80
C5 NAG G . -15.50 2.99 -3.42
C6 NAG G . -15.48 3.29 -4.89
C7 NAG G . -14.87 -0.58 0.49
C8 NAG G . -15.04 -0.86 1.95
N2 NAG G . -15.07 0.68 0.11
O3 NAG G . -12.84 2.18 -0.88
O4 NAG G . -13.57 4.25 -2.81
O5 NAG G . -16.17 1.74 -3.26
O6 NAG G . -16.26 4.44 -5.21
O7 NAG G . -14.57 -1.46 -0.31
C1 NAG G . -12.23 4.28 -3.35
C2 NAG G . -11.98 5.66 -3.94
C3 NAG G . -10.55 5.76 -4.46
C4 NAG G . -9.55 5.39 -3.38
C5 NAG G . -9.90 4.02 -2.81
C6 NAG G . -9.04 3.62 -1.63
C7 NAG G . -13.64 7.08 -5.06
C8 NAG G . -14.58 7.21 -6.23
N2 NAG G . -12.93 5.95 -5.01
O3 NAG G . -10.31 7.09 -4.91
O4 NAG G . -8.23 5.35 -3.91
O5 NAG G . -11.25 4.01 -2.34
O6 NAG G . -9.70 2.68 -0.79
O7 NAG G . -13.55 7.95 -4.21
C1 BMA G . -7.45 6.46 -3.41
C2 BMA G . -6.06 5.91 -2.99
C3 BMA G . -5.10 7.06 -2.67
C4 BMA G . -5.12 8.17 -3.74
C5 BMA G . -6.56 8.63 -3.97
C6 BMA G . -6.67 9.70 -5.05
O2 BMA G . -5.47 5.16 -4.04
O3 BMA G . -3.76 6.59 -2.48
O4 BMA G . -4.33 9.27 -3.33
O5 BMA G . -7.33 7.50 -4.39
O6 BMA G . -5.60 10.62 -4.87
C1 NAG H . -15.75 -26.96 20.45
C2 NAG H . -14.72 -25.84 20.43
C3 NAG H . -13.36 -26.38 20.90
C4 NAG H . -13.49 -27.07 22.25
C5 NAG H . -14.57 -28.15 22.19
C6 NAG H . -14.83 -28.79 23.54
C7 NAG H . -15.18 -24.08 18.79
C8 NAG H . -14.96 -23.61 17.39
N2 NAG H . -14.60 -25.24 19.12
O3 NAG H . -12.43 -25.30 20.99
O4 NAG H . -12.24 -27.67 22.62
O5 NAG H . -15.80 -27.57 21.76
O6 NAG H . -14.59 -27.88 24.60
O7 NAG H . -15.85 -23.44 19.60
C1 NAG I . -30.88 -19.08 -5.88
C2 NAG I . -29.75 -19.94 -6.46
C3 NAG I . -29.57 -19.65 -7.95
C4 NAG I . -30.89 -19.81 -8.70
C5 NAG I . -31.97 -18.95 -8.05
C6 NAG I . -33.34 -19.13 -8.65
C7 NAG I . -28.05 -20.53 -4.79
C8 NAG I . -26.75 -20.14 -4.16
N2 NAG I . -28.50 -19.71 -5.76
O3 NAG I . -28.61 -20.53 -8.50
O4 NAG I . -30.75 -19.44 -10.06
O5 NAG I . -32.09 -19.28 -6.66
O6 NAG I . -33.37 -20.27 -9.52
O7 NAG I . -28.68 -21.52 -4.44
C1 NAG J . -46.09 -40.37 10.42
C2 NAG J . -46.60 -41.60 9.68
C3 NAG J . -48.01 -41.35 9.13
C4 NAG J . -48.94 -40.85 10.23
C5 NAG J . -48.33 -39.65 10.95
C6 NAG J . -49.15 -39.18 12.13
C7 NAG J . -45.22 -43.23 8.42
C8 NAG J . -45.66 -44.28 9.40
N2 NAG J . -45.70 -41.99 8.60
O3 NAG J . -48.52 -42.55 8.56
O4 NAG J . -50.20 -40.47 9.67
O5 NAG J . -47.03 -40.00 11.46
O6 NAG J . -49.71 -37.90 11.88
O7 NAG J . -44.45 -43.49 7.50
C1 NAG K . -43.29 -8.64 14.30
C2 NAG K . -42.71 -9.39 15.52
C3 NAG K . -43.83 -9.67 16.52
C4 NAG K . -44.55 -8.39 16.91
C5 NAG K . -45.06 -7.67 15.66
C6 NAG K . -45.69 -6.33 15.98
C7 NAG K . -40.89 -11.07 15.63
C8 NAG K . -40.22 -10.20 16.66
N2 NAG K . -42.04 -10.62 15.12
O3 NAG K . -43.31 -10.32 17.68
O4 NAG K . -45.65 -8.69 17.77
O5 NAG K . -43.98 -7.43 14.76
O6 NAG K . -47.00 -6.47 16.49
O7 NAG K . -40.39 -12.12 15.26
C1 NAG L . -19.85 21.39 12.89
C2 NAG L . -18.93 21.73 14.06
C3 NAG L . -19.24 23.14 14.57
C4 NAG L . -19.17 24.15 13.44
C5 NAG L . -20.10 23.73 12.30
C6 NAG L . -20.01 24.63 11.10
C7 NAG L . -18.18 19.75 15.30
C8 NAG L . -18.46 18.84 16.46
N2 NAG L . -19.05 20.76 15.12
O3 NAG L . -18.29 23.48 15.58
O4 NAG L . -19.58 25.43 13.92
O5 NAG L . -19.76 22.41 11.86
O6 NAG L . -18.97 25.59 11.23
O7 NAG L . -17.22 19.58 14.56
#